data_6ZGC
#
_entry.id   6ZGC
#
_cell.length_a   84.620
_cell.length_b   101.690
_cell.length_c   180.126
_cell.angle_alpha   90.000
_cell.angle_beta   95.262
_cell.angle_gamma   90.000
#
_symmetry.space_group_name_H-M   'I 1 2 1'
#
loop_
_entity.id
_entity.type
_entity.pdbx_description
1 polymer 'Activin receptor type I'
2 non-polymer N-(5-CHLORO-1,3-BENZODIOXOL-4-YL)-7-[2-(4-METHYLPIPERAZIN-1-YL)ETHOXY]-5-(TETRAHYDRO-2H-PYRAN-4-YLOXY)QUINAZOLIN-4-AMINE
3 non-polymer 'POTASSIUM ION'
4 non-polymer 'PHOSPHATE ION'
5 water water
#
_entity_poly.entity_id   1
_entity_poly.type   'polypeptide(L)'
_entity_poly.pdbx_seq_one_letter_code
;SMQRTVARDITLLECVGKGRYGEVWRGSWQGENVAVKIFSSRDEKSWFRETELYNTVMLRHENILGFIASDMTSRHSSTQ
LWLITHYHEMGSLYDYLQLTTLDTVSCLRIVLSIASGLAHLHIEIFGTQGKPAIAHRDLKSKNILVKKNGQCCIADLGLA
VMHSQSTNQLDVGNNPRVGTKRYMAPEVLDETIQVDCFDSYKRVDIWAFGLVLWEVARRMVSNGIVEDYKPPFYDVVPND
PSFEDMRKVVCVDQQRPNIPNRWFSDPTLTSLAKLMKECWYQNPSARLTALRIKKTLTKID
;
_entity_poly.pdbx_strand_id   A,B,C,D
#
loop_
_chem_comp.id
_chem_comp.type
_chem_comp.name
_chem_comp.formula
H8H non-polymer N-(5-CHLORO-1,3-BENZODIOXOL-4-YL)-7-[2-(4-METHYLPIPERAZIN-1-YL)ETHOXY]-5-(TETRAHYDRO-2H-PYRAN-4-YLOXY)QUINAZOLIN-4-AMINE 'C27 H32 Cl N5 O5'
K non-polymer 'POTASSIUM ION' 'K 1'
PO4 non-polymer 'PHOSPHATE ION' 'O4 P -3'
#
# COMPACT_ATOMS: atom_id res chain seq x y z
N ALA A 7 18.30 3.78 40.22
CA ALA A 7 19.61 4.19 40.68
C ALA A 7 19.59 4.49 42.17
N ARG A 8 18.38 4.55 42.73
CA ARG A 8 18.14 4.83 44.15
C ARG A 8 18.64 6.21 44.57
N ASP A 9 19.18 6.99 43.63
CA ASP A 9 19.14 8.45 43.79
C ASP A 9 17.75 8.97 43.50
N ILE A 10 16.92 8.14 42.86
CA ILE A 10 15.53 8.48 42.62
C ILE A 10 14.77 8.53 43.93
N THR A 11 13.85 9.48 44.04
CA THR A 11 12.93 9.56 45.17
C THR A 11 11.55 9.12 44.70
N LEU A 12 11.07 8.00 45.24
CA LEU A 12 9.80 7.42 44.81
C LEU A 12 8.65 8.20 45.42
N LEU A 13 7.96 8.99 44.60
CA LEU A 13 6.93 9.90 45.11
C LEU A 13 5.58 9.19 45.27
N GLU A 14 4.90 8.90 44.17
CA GLU A 14 3.59 8.25 44.23
C GLU A 14 3.52 7.07 43.28
N CYS A 15 2.71 6.08 43.67
CA CYS A 15 2.50 4.87 42.87
C CYS A 15 1.39 5.13 41.87
N VAL A 16 1.71 5.05 40.58
CA VAL A 16 0.75 5.33 39.52
C VAL A 16 0.25 4.07 38.83
N GLY A 17 0.64 2.90 39.30
CA GLY A 17 0.20 1.65 38.70
C GLY A 17 0.58 0.45 39.54
N LYS A 18 -0.26 -0.58 39.55
CA LYS A 18 -0.03 -1.74 40.41
C LYS A 18 -0.76 -2.95 39.84
N GLY A 19 -0.04 -4.03 39.63
CA GLY A 19 -0.64 -5.23 39.09
C GLY A 19 0.27 -6.43 39.22
N ARG A 20 0.04 -7.41 38.34
CA ARG A 20 0.87 -8.62 38.33
C ARG A 20 2.31 -8.28 37.95
N TYR A 21 2.48 -7.47 36.91
CA TYR A 21 3.80 -7.05 36.42
C TYR A 21 4.70 -6.50 37.51
N GLY A 22 4.12 -5.97 38.59
CA GLY A 22 4.88 -5.25 39.59
C GLY A 22 4.18 -3.96 39.93
N GLU A 23 4.93 -2.85 39.94
CA GLU A 23 4.33 -1.55 40.20
C GLU A 23 5.13 -0.47 39.48
N VAL A 24 4.43 0.61 39.13
CA VAL A 24 5.03 1.75 38.46
C VAL A 24 4.91 2.96 39.38
N TRP A 25 6.03 3.64 39.61
CA TRP A 25 6.09 4.78 40.51
C TRP A 25 6.51 6.03 39.74
N ARG A 26 5.87 7.15 40.05
CA ARG A 26 6.39 8.45 39.63
C ARG A 26 7.52 8.82 40.57
N GLY A 27 8.72 8.99 40.03
CA GLY A 27 9.86 9.32 40.86
C GLY A 27 10.53 10.61 40.44
N SER A 28 11.38 11.14 41.31
CA SER A 28 12.12 12.36 41.05
C SER A 28 13.61 12.03 41.04
N TRP A 29 14.28 12.34 39.93
CA TRP A 29 15.69 12.03 39.77
C TRP A 29 16.38 13.26 39.20
N GLN A 30 17.12 13.97 40.05
CA GLN A 30 17.88 15.15 39.65
C GLN A 30 16.98 16.27 39.12
N GLY A 31 15.87 16.50 39.82
CA GLY A 31 14.95 17.56 39.50
C GLY A 31 13.86 17.22 38.51
N GLU A 32 14.05 16.20 37.67
CA GLU A 32 13.08 15.85 36.66
C GLU A 32 12.25 14.64 37.09
N ASN A 33 11.03 14.58 36.58
CA ASN A 33 10.15 13.45 36.85
C ASN A 33 10.55 12.24 36.01
N VAL A 34 10.46 11.05 36.62
CA VAL A 34 10.71 9.80 35.92
C VAL A 34 9.69 8.77 36.38
N ALA A 35 9.48 7.77 35.54
CA ALA A 35 8.66 6.62 35.89
C ALA A 35 9.56 5.44 36.19
N VAL A 36 9.31 4.79 37.33
CA VAL A 36 10.09 3.65 37.78
C VAL A 36 9.18 2.43 37.81
N LYS A 37 9.47 1.46 36.96
CA LYS A 37 8.79 0.17 37.00
C LYS A 37 9.61 -0.78 37.86
N ILE A 38 8.99 -1.32 38.91
CA ILE A 38 9.64 -2.24 39.83
C ILE A 38 9.14 -3.64 39.49
N PHE A 39 10.02 -4.47 38.95
CA PHE A 39 9.64 -5.81 38.53
C PHE A 39 9.65 -6.79 39.69
N SER A 40 8.75 -7.76 39.64
CA SER A 40 8.82 -8.88 40.56
C SER A 40 10.01 -9.77 40.20
N SER A 41 10.48 -10.53 41.19
CA SER A 41 11.49 -11.53 40.89
C SER A 41 10.97 -12.60 39.94
N ARG A 42 9.65 -12.79 39.89
CA ARG A 42 9.06 -13.75 38.97
C ARG A 42 9.09 -13.27 37.53
N ASP A 43 9.23 -11.96 37.30
CA ASP A 43 9.31 -11.39 35.96
C ASP A 43 10.72 -10.94 35.62
N GLU A 44 11.73 -11.65 36.12
CA GLU A 44 13.11 -11.25 35.89
C GLU A 44 13.48 -11.34 34.41
N LYS A 45 13.02 -12.39 33.73
CA LYS A 45 13.32 -12.54 32.30
C LYS A 45 12.72 -11.40 31.49
N SER A 46 11.51 -10.96 31.86
CA SER A 46 10.90 -9.84 31.16
C SER A 46 11.65 -8.54 31.41
N TRP A 47 12.14 -8.34 32.65
CA TRP A 47 12.93 -7.15 32.92
C TRP A 47 14.20 -7.12 32.08
N PHE A 48 14.84 -8.27 31.89
CA PHE A 48 16.09 -8.29 31.16
C PHE A 48 15.87 -8.12 29.66
N ARG A 49 14.83 -8.75 29.11
CA ARG A 49 14.54 -8.60 27.70
C ARG A 49 14.24 -7.14 27.34
N GLU A 50 13.43 -6.48 28.17
CA GLU A 50 13.13 -5.08 27.94
C GLU A 50 14.37 -4.20 28.14
N THR A 51 15.20 -4.54 29.13
CA THR A 51 16.44 -3.80 29.33
C THR A 51 17.38 -3.98 28.14
N GLU A 52 17.41 -5.19 27.57
CA GLU A 52 18.38 -5.46 26.51
C GLU A 52 17.99 -4.79 25.20
N LEU A 53 16.70 -4.70 24.89
CA LEU A 53 16.28 -3.93 23.72
C LEU A 53 16.70 -2.47 23.85
N TYR A 54 16.61 -1.92 25.06
CA TYR A 54 16.89 -0.51 25.26
C TYR A 54 18.38 -0.21 25.28
N ASN A 55 19.21 -1.08 25.87
CA ASN A 55 20.63 -0.79 26.03
C ASN A 55 21.53 -1.48 25.01
N THR A 56 21.02 -2.42 24.23
CA THR A 56 21.80 -3.10 23.19
C THR A 56 21.32 -2.78 21.79
N VAL A 57 20.01 -2.88 21.55
CA VAL A 57 19.46 -2.47 20.26
C VAL A 57 19.42 -0.95 20.13
N MET A 58 19.48 -0.24 21.25
CA MET A 58 19.40 1.23 21.27
C MET A 58 18.05 1.71 20.71
N LEU A 59 16.98 1.10 21.22
CA LEU A 59 15.65 1.42 20.74
C LEU A 59 15.26 2.84 21.14
N ARG A 60 14.83 3.63 20.16
CA ARG A 60 14.52 5.04 20.37
C ARG A 60 13.65 5.51 19.23
N HIS A 61 12.56 6.21 19.57
CA HIS A 61 11.59 6.68 18.61
C HIS A 61 10.61 7.58 19.34
N GLU A 62 10.11 8.60 18.63
CA GLU A 62 9.15 9.53 19.25
C GLU A 62 7.91 8.82 19.78
N ASN A 63 7.57 7.65 19.23
CA ASN A 63 6.37 6.93 19.61
C ASN A 63 6.69 5.63 20.35
N ILE A 64 7.81 5.60 21.07
CA ILE A 64 8.20 4.48 21.91
C ILE A 64 8.71 5.02 23.24
N LEU A 65 8.25 4.42 24.35
CA LEU A 65 8.55 4.93 25.68
C LEU A 65 10.06 5.09 25.87
N GLY A 66 10.44 6.29 26.29
CA GLY A 66 11.86 6.68 26.28
C GLY A 66 12.62 6.04 27.42
N PHE A 67 13.67 5.27 27.09
CA PHE A 67 14.51 4.66 28.10
C PHE A 67 15.39 5.71 28.78
N ILE A 68 15.63 5.52 30.08
CA ILE A 68 16.59 6.34 30.79
C ILE A 68 17.66 5.46 31.41
N ALA A 69 17.24 4.52 32.26
CA ALA A 69 18.19 3.70 32.98
C ALA A 69 17.55 2.37 33.35
N SER A 70 18.41 1.39 33.62
CA SER A 70 18.01 0.11 34.18
C SER A 70 19.03 -0.30 35.24
N ASP A 71 18.54 -0.81 36.37
CA ASP A 71 19.41 -1.22 37.45
C ASP A 71 18.93 -2.54 38.03
N MET A 72 19.89 -3.38 38.41
CA MET A 72 19.60 -4.59 39.18
C MET A 72 20.57 -4.69 40.34
N THR A 73 20.04 -4.93 41.53
CA THR A 73 20.84 -5.27 42.70
C THR A 73 20.35 -6.62 43.22
N SER A 74 21.26 -7.56 43.39
CA SER A 74 20.90 -8.91 43.82
C SER A 74 21.89 -9.37 44.88
N ARG A 75 21.38 -9.65 46.07
CA ARG A 75 22.13 -10.30 47.13
C ARG A 75 21.58 -11.71 47.34
N HIS A 76 22.29 -12.48 48.17
CA HIS A 76 21.75 -13.74 48.64
C HIS A 76 20.48 -13.44 49.44
N SER A 77 19.32 -13.77 48.85
CA SER A 77 17.99 -13.65 49.43
C SER A 77 17.39 -12.27 49.25
N SER A 78 17.71 -11.58 48.14
CA SER A 78 17.09 -10.30 47.82
C SER A 78 17.41 -9.87 46.39
N THR A 79 16.38 -9.56 45.61
CA THR A 79 16.56 -9.10 44.23
C THR A 79 15.60 -7.95 43.94
N GLN A 80 16.14 -6.83 43.49
CA GLN A 80 15.37 -5.66 43.11
C GLN A 80 15.61 -5.35 41.64
N LEU A 81 14.53 -5.23 40.86
CA LEU A 81 14.61 -5.04 39.42
C LEU A 81 13.90 -3.74 39.05
N TRP A 82 14.67 -2.73 38.66
CA TRP A 82 14.14 -1.41 38.33
C TRP A 82 14.35 -1.10 36.86
N LEU A 83 13.31 -0.57 36.22
CA LEU A 83 13.39 0.02 34.89
C LEU A 83 12.93 1.46 34.99
N ILE A 84 13.74 2.39 34.49
CA ILE A 84 13.52 3.82 34.65
C ILE A 84 13.37 4.45 33.28
N THR A 85 12.24 5.13 33.05
CA THR A 85 11.91 5.73 31.76
C THR A 85 11.41 7.15 31.97
N HIS A 86 11.19 7.84 30.85
CA HIS A 86 10.53 9.14 30.89
C HIS A 86 9.14 9.00 31.49
N TYR A 87 8.71 10.06 32.18
CA TYR A 87 7.39 10.09 32.78
C TYR A 87 6.40 10.75 31.84
N HIS A 88 5.14 10.30 31.91
CA HIS A 88 4.06 10.84 31.11
C HIS A 88 2.85 11.05 32.01
N GLU A 89 2.65 12.29 32.45
CA GLU A 89 1.64 12.59 33.45
C GLU A 89 0.22 12.32 32.98
N MET A 90 -0.01 12.14 31.69
CA MET A 90 -1.34 11.81 31.21
C MET A 90 -1.66 10.33 31.32
N GLY A 91 -0.66 9.49 31.60
CA GLY A 91 -0.92 8.09 31.87
C GLY A 91 -1.27 7.29 30.62
N SER A 92 -1.83 6.12 30.86
CA SER A 92 -2.15 5.20 29.78
C SER A 92 -3.27 5.76 28.91
N LEU A 93 -3.26 5.35 27.64
CA LEU A 93 -4.37 5.64 26.74
C LEU A 93 -5.68 5.11 27.31
N TYR A 94 -5.64 3.97 28.00
CA TYR A 94 -6.83 3.40 28.60
C TYR A 94 -7.47 4.36 29.60
N ASP A 95 -6.68 4.87 30.55
CA ASP A 95 -7.19 5.85 31.50
C ASP A 95 -7.57 7.14 30.80
N TYR A 96 -6.80 7.52 29.77
CA TYR A 96 -7.06 8.77 29.05
C TYR A 96 -8.40 8.74 28.33
N LEU A 97 -8.76 7.61 27.74
CA LEU A 97 -10.01 7.51 27.01
C LEU A 97 -11.23 7.47 27.93
N GLN A 98 -11.03 7.19 29.22
CA GLN A 98 -12.16 7.10 30.14
C GLN A 98 -12.95 8.40 30.21
N LEU A 99 -12.25 9.52 30.39
CA LEU A 99 -12.89 10.80 30.58
C LEU A 99 -12.82 11.73 29.38
N THR A 100 -11.86 11.53 28.48
CA THR A 100 -11.65 12.46 27.37
C THR A 100 -12.44 12.03 26.14
N THR A 101 -12.94 13.03 25.42
CA THR A 101 -13.46 12.84 24.08
C THR A 101 -12.49 13.47 23.08
N LEU A 102 -12.63 13.06 21.82
CA LEU A 102 -11.65 13.42 20.79
C LEU A 102 -12.34 14.06 19.60
N ASP A 103 -11.60 14.92 18.90
CA ASP A 103 -12.01 15.42 17.61
C ASP A 103 -11.22 14.69 16.52
N THR A 104 -11.49 15.04 15.27
CA THR A 104 -10.84 14.36 14.15
C THR A 104 -9.32 14.49 14.22
N VAL A 105 -8.82 15.70 14.53
CA VAL A 105 -7.38 15.93 14.55
C VAL A 105 -6.73 15.12 15.68
N SER A 106 -7.24 15.26 16.90
CA SER A 106 -6.62 14.58 18.03
C SER A 106 -6.80 13.06 17.96
N CYS A 107 -7.87 12.59 17.32
CA CYS A 107 -8.05 11.16 17.17
C CYS A 107 -7.04 10.57 16.19
N LEU A 108 -6.84 11.23 15.04
CA LEU A 108 -5.86 10.75 14.08
C LEU A 108 -4.45 10.88 14.61
N ARG A 109 -4.17 11.89 15.43
CA ARG A 109 -2.86 12.02 16.04
C ARG A 109 -2.58 10.82 16.96
N ILE A 110 -3.60 10.34 17.65
CA ILE A 110 -3.43 9.20 18.54
C ILE A 110 -3.18 7.92 17.73
N VAL A 111 -4.02 7.66 16.74
CA VAL A 111 -3.93 6.37 16.03
C VAL A 111 -2.73 6.34 15.09
N LEU A 112 -2.40 7.49 14.47
CA LEU A 112 -1.24 7.52 13.57
C LEU A 112 0.07 7.39 14.34
N SER A 113 0.15 8.00 15.53
CA SER A 113 1.37 7.87 16.32
C SER A 113 1.57 6.44 16.79
N ILE A 114 0.48 5.73 17.13
CA ILE A 114 0.59 4.33 17.52
C ILE A 114 1.10 3.51 16.33
N ALA A 115 0.51 3.71 15.15
CA ALA A 115 0.96 2.98 13.97
C ALA A 115 2.40 3.34 13.60
N SER A 116 2.81 4.59 13.85
CA SER A 116 4.19 4.98 13.58
C SER A 116 5.16 4.23 14.50
N GLY A 117 4.84 4.15 15.80
CA GLY A 117 5.67 3.39 16.71
C GLY A 117 5.68 1.90 16.39
N LEU A 118 4.51 1.34 16.05
CA LEU A 118 4.44 -0.08 15.73
C LEU A 118 5.19 -0.38 14.44
N ALA A 119 5.10 0.51 13.44
CA ALA A 119 5.86 0.31 12.21
C ALA A 119 7.36 0.37 12.46
N HIS A 120 7.80 1.25 13.37
CA HIS A 120 9.22 1.32 13.67
C HIS A 120 9.70 0.06 14.35
N LEU A 121 8.91 -0.49 15.27
CA LEU A 121 9.23 -1.78 15.88
C LEU A 121 9.40 -2.86 14.82
N HIS A 122 8.42 -3.01 13.93
CA HIS A 122 8.37 -4.14 13.01
C HIS A 122 9.54 -4.14 12.03
N ILE A 123 9.90 -2.97 11.50
CA ILE A 123 10.82 -2.91 10.36
C ILE A 123 12.24 -3.15 10.84
N GLU A 124 12.99 -3.95 10.06
CA GLU A 124 14.39 -4.20 10.34
C GLU A 124 15.25 -3.14 9.66
N ILE A 125 16.26 -2.66 10.36
CA ILE A 125 17.18 -1.64 9.86
C ILE A 125 18.59 -2.21 9.88
N PHE A 126 19.28 -2.10 8.74
CA PHE A 126 20.63 -2.63 8.61
C PHE A 126 21.66 -1.54 8.89
N GLY A 127 22.90 -1.96 9.06
CA GLY A 127 24.00 -1.06 9.34
C GLY A 127 24.52 -1.23 10.75
N THR A 128 25.54 -0.41 11.07
CA THR A 128 26.14 -0.47 12.40
C THR A 128 25.20 0.06 13.47
N GLN A 129 24.39 1.07 13.14
CA GLN A 129 23.41 1.63 14.06
C GLN A 129 21.99 1.12 13.77
N GLY A 130 21.88 -0.05 13.16
CA GLY A 130 20.59 -0.61 12.82
C GLY A 130 19.93 -1.31 13.99
N LYS A 131 18.90 -2.09 13.67
CA LYS A 131 18.14 -2.79 14.69
C LYS A 131 17.40 -3.95 14.04
N PRO A 132 17.11 -5.01 14.79
CA PRO A 132 16.36 -6.13 14.23
C PRO A 132 14.87 -5.80 14.13
N ALA A 133 14.16 -6.66 13.39
CA ALA A 133 12.72 -6.62 13.40
C ALA A 133 12.21 -7.05 14.76
N ILE A 134 11.17 -6.39 15.25
CA ILE A 134 10.67 -6.60 16.61
C ILE A 134 9.16 -6.73 16.56
N ALA A 135 8.64 -7.77 17.20
CA ALA A 135 7.21 -7.91 17.45
C ALA A 135 6.93 -7.67 18.92
N HIS A 136 5.87 -6.91 19.20
CA HIS A 136 5.58 -6.47 20.56
C HIS A 136 4.97 -7.59 21.40
N ARG A 137 3.87 -8.17 20.93
CA ARG A 137 3.15 -9.33 21.46
C ARG A 137 2.30 -9.02 22.69
N ASP A 138 2.20 -7.77 23.13
CA ASP A 138 1.28 -7.41 24.21
C ASP A 138 0.70 -6.02 23.98
N LEU A 139 0.35 -5.72 22.73
CA LEU A 139 -0.19 -4.40 22.41
C LEU A 139 -1.62 -4.30 22.90
N LYS A 140 -1.92 -3.21 23.60
CA LYS A 140 -3.25 -2.91 24.11
C LYS A 140 -3.22 -1.49 24.65
N SER A 141 -4.41 -0.97 24.97
CA SER A 141 -4.52 0.44 25.36
C SER A 141 -3.85 0.73 26.69
N LYS A 142 -3.70 -0.26 27.56
CA LYS A 142 -3.04 -0.03 28.85
C LYS A 142 -1.51 0.01 28.71
N ASN A 143 -0.96 -0.49 27.61
CA ASN A 143 0.47 -0.43 27.36
C ASN A 143 0.84 0.69 26.39
N ILE A 144 -0.05 1.67 26.22
CA ILE A 144 0.20 2.84 25.39
C ILE A 144 0.02 4.07 26.26
N LEU A 145 0.99 4.97 26.24
CA LEU A 145 0.96 6.19 27.04
C LEU A 145 0.70 7.38 26.14
N VAL A 146 0.03 8.39 26.69
CA VAL A 146 -0.31 9.61 25.97
C VAL A 146 0.64 10.72 26.41
N LYS A 147 1.09 11.53 25.45
CA LYS A 147 1.95 12.67 25.72
C LYS A 147 1.12 13.95 25.80
N LYS A 148 1.77 15.02 26.28
CA LYS A 148 1.09 16.31 26.40
C LYS A 148 0.72 16.88 25.03
N ASN A 149 1.50 16.59 24.00
CA ASN A 149 1.20 17.08 22.66
C ASN A 149 0.08 16.31 21.96
N GLY A 150 -0.50 15.30 22.61
CA GLY A 150 -1.54 14.50 22.01
C GLY A 150 -1.07 13.28 21.26
N GLN A 151 0.24 13.06 21.17
CA GLN A 151 0.77 11.86 20.55
C GLN A 151 0.96 10.77 21.60
N CYS A 152 1.16 9.54 21.12
CA CYS A 152 1.27 8.39 21.99
C CYS A 152 2.61 7.71 21.79
N CYS A 153 3.02 6.93 22.80
CA CYS A 153 4.18 6.07 22.71
C CYS A 153 3.83 4.67 23.20
N ILE A 154 4.49 3.67 22.63
CA ILE A 154 4.28 2.27 22.99
C ILE A 154 5.27 1.89 24.08
N ALA A 155 4.78 1.23 25.13
CA ALA A 155 5.46 1.21 26.42
C ALA A 155 6.13 -0.12 26.77
N ASP A 156 5.36 -1.21 26.87
CA ASP A 156 5.80 -2.42 27.57
C ASP A 156 6.40 -3.40 26.57
N LEU A 157 7.72 -3.62 26.68
CA LEU A 157 8.48 -4.41 25.71
C LEU A 157 8.96 -5.75 26.28
N GLY A 158 8.38 -6.19 27.40
CA GLY A 158 8.89 -7.38 28.06
C GLY A 158 8.70 -8.68 27.30
N LEU A 159 7.64 -8.76 26.49
CA LEU A 159 7.32 -9.98 25.75
C LEU A 159 7.77 -9.90 24.29
N ALA A 160 8.63 -8.96 23.94
CA ALA A 160 9.01 -8.78 22.55
C ALA A 160 9.83 -9.96 22.05
N VAL A 161 9.72 -10.22 20.75
CA VAL A 161 10.57 -11.18 20.05
C VAL A 161 11.23 -10.45 18.89
N MET A 162 12.43 -10.90 18.53
CA MET A 162 13.25 -10.23 17.54
C MET A 162 13.61 -11.18 16.40
N HIS A 163 14.00 -10.59 15.27
CA HIS A 163 14.43 -11.36 14.11
C HIS A 163 15.34 -10.48 13.26
N SER A 164 16.53 -11.00 12.94
CA SER A 164 17.44 -10.35 12.01
C SER A 164 17.64 -11.28 10.82
N GLN A 165 17.55 -10.71 9.61
CA GLN A 165 17.76 -11.50 8.41
C GLN A 165 19.19 -11.99 8.29
N SER A 166 20.14 -11.35 8.96
CA SER A 166 21.53 -11.78 8.96
C SER A 166 21.76 -13.02 9.82
N THR A 167 20.72 -13.56 10.44
CA THR A 167 20.88 -14.70 11.35
C THR A 167 19.63 -15.57 11.28
N ASN A 168 19.67 -16.67 12.01
CA ASN A 168 18.52 -17.55 12.18
C ASN A 168 18.04 -17.54 13.63
N GLN A 169 17.99 -16.36 14.22
CA GLN A 169 17.61 -16.20 15.61
C GLN A 169 16.10 -16.02 15.73
N LEU A 170 15.51 -16.70 16.72
CA LEU A 170 14.09 -16.56 17.01
C LEU A 170 13.78 -17.03 18.43
N ASN A 174 10.22 -18.62 22.38
CA ASN A 174 9.34 -17.57 22.87
C ASN A 174 8.41 -18.09 23.97
N ASN A 175 7.21 -17.52 24.05
CA ASN A 175 6.18 -17.93 25.00
C ASN A 175 4.97 -18.46 24.23
N PRO A 176 4.25 -19.44 24.79
CA PRO A 176 3.16 -20.08 24.03
C PRO A 176 1.91 -19.23 23.91
N ARG A 177 1.38 -18.77 25.03
CA ARG A 177 0.06 -18.12 25.06
C ARG A 177 0.10 -16.91 25.99
N VAL A 178 1.08 -16.03 25.79
CA VAL A 178 1.28 -14.89 26.67
C VAL A 178 0.63 -13.66 26.05
N GLY A 179 0.18 -12.75 26.90
CA GLY A 179 -0.54 -11.57 26.47
C GLY A 179 -1.96 -11.55 27.01
N THR A 180 -2.57 -10.37 27.06
CA THR A 180 -3.93 -10.26 27.56
C THR A 180 -4.88 -11.06 26.68
N LYS A 181 -5.62 -11.98 27.29
CA LYS A 181 -6.48 -12.88 26.53
C LYS A 181 -7.52 -12.11 25.72
N ARG A 182 -8.03 -11.00 26.29
CA ARG A 182 -9.01 -10.18 25.59
C ARG A 182 -8.49 -9.65 24.26
N TYR A 183 -7.17 -9.51 24.11
CA TYR A 183 -6.57 -8.99 22.90
C TYR A 183 -5.92 -10.05 22.03
N MET A 184 -6.06 -11.33 22.38
CA MET A 184 -5.39 -12.39 21.63
C MET A 184 -6.04 -12.57 20.26
N ALA A 185 -5.19 -12.85 19.27
CA ALA A 185 -5.65 -13.05 17.90
C ALA A 185 -6.25 -14.44 17.72
N PRO A 186 -7.12 -14.61 16.72
CA PRO A 186 -7.74 -15.93 16.51
C PRO A 186 -6.75 -17.08 16.35
N GLU A 187 -5.64 -16.86 15.65
CA GLU A 187 -4.67 -17.94 15.49
C GLU A 187 -3.97 -18.29 16.79
N VAL A 188 -3.99 -17.39 17.78
CA VAL A 188 -3.50 -17.75 19.11
C VAL A 188 -4.55 -18.54 19.87
N LEU A 189 -5.82 -18.17 19.72
CA LEU A 189 -6.88 -18.81 20.48
C LEU A 189 -7.13 -20.24 20.01
N ASP A 190 -7.23 -20.44 18.69
CA ASP A 190 -7.46 -21.79 18.16
C ASP A 190 -6.16 -22.55 17.92
N GLU A 191 -5.01 -21.97 18.29
CA GLU A 191 -3.72 -22.64 18.31
C GLU A 191 -3.18 -23.01 16.93
N THR A 192 -3.67 -22.36 15.87
CA THR A 192 -3.16 -22.62 14.52
C THR A 192 -2.00 -21.70 14.15
N ILE A 193 -1.56 -20.84 15.06
CA ILE A 193 -0.50 -19.88 14.75
C ILE A 193 0.79 -20.62 14.41
N GLN A 194 1.43 -20.20 13.32
CA GLN A 194 2.72 -20.76 12.94
C GLN A 194 3.80 -20.11 13.79
N VAL A 195 4.05 -20.72 14.95
CA VAL A 195 4.96 -20.17 15.94
C VAL A 195 6.41 -20.09 15.46
N ASP A 196 6.72 -20.70 14.32
CA ASP A 196 8.08 -20.72 13.80
C ASP A 196 8.30 -19.72 12.66
N CYS A 197 7.27 -18.96 12.28
CA CYS A 197 7.40 -17.88 11.31
C CYS A 197 7.34 -16.57 12.07
N PHE A 198 8.40 -15.75 11.97
CA PHE A 198 8.43 -14.50 12.69
C PHE A 198 7.28 -13.57 12.27
N ASP A 199 6.85 -13.66 11.01
CA ASP A 199 5.75 -12.83 10.53
C ASP A 199 4.45 -13.11 11.26
N SER A 200 4.31 -14.26 11.92
CA SER A 200 3.09 -14.54 12.67
C SER A 200 2.91 -13.57 13.83
N TYR A 201 4.02 -13.21 14.49
CA TYR A 201 3.93 -12.31 15.63
C TYR A 201 3.66 -10.87 15.21
N LYS A 202 4.18 -10.44 14.05
CA LYS A 202 3.81 -9.14 13.52
C LYS A 202 2.31 -9.06 13.25
N ARG A 203 1.73 -10.15 12.72
CA ARG A 203 0.30 -10.18 12.43
C ARG A 203 -0.55 -10.26 13.70
N VAL A 204 -0.02 -10.86 14.76
CA VAL A 204 -0.72 -10.84 16.05
C VAL A 204 -0.73 -9.42 16.62
N ASP A 205 0.34 -8.65 16.40
CA ASP A 205 0.34 -7.25 16.83
C ASP A 205 -0.68 -6.44 16.05
N ILE A 206 -0.86 -6.76 14.76
CA ILE A 206 -1.80 -6.00 13.93
C ILE A 206 -3.24 -6.23 14.38
N TRP A 207 -3.56 -7.47 14.76
CA TRP A 207 -4.90 -7.74 15.30
C TRP A 207 -5.16 -6.91 16.54
N ALA A 208 -4.19 -6.88 17.47
CA ALA A 208 -4.35 -6.06 18.67
C ALA A 208 -4.47 -4.59 18.32
N PHE A 209 -3.67 -4.12 17.37
CA PHE A 209 -3.73 -2.72 16.95
C PHE A 209 -5.13 -2.34 16.49
N GLY A 210 -5.77 -3.22 15.70
CA GLY A 210 -7.12 -2.94 15.25
C GLY A 210 -8.11 -2.84 16.39
N LEU A 211 -7.91 -3.63 17.45
CA LEU A 211 -8.77 -3.51 18.62
C LEU A 211 -8.61 -2.15 19.28
N VAL A 212 -7.37 -1.66 19.37
CA VAL A 212 -7.13 -0.35 19.97
C VAL A 212 -7.72 0.75 19.11
N LEU A 213 -7.59 0.63 17.78
CA LEU A 213 -8.25 1.55 16.86
C LEU A 213 -9.72 1.70 17.20
N TRP A 214 -10.40 0.58 17.45
CA TRP A 214 -11.80 0.60 17.80
C TRP A 214 -12.04 1.33 19.12
N GLU A 215 -11.21 1.05 20.14
CA GLU A 215 -11.36 1.71 21.43
C GLU A 215 -11.29 3.23 21.28
N VAL A 216 -10.32 3.71 20.49
CA VAL A 216 -10.10 5.14 20.35
C VAL A 216 -11.22 5.80 19.55
N ALA A 217 -11.62 5.18 18.43
CA ALA A 217 -12.61 5.77 17.55
C ALA A 217 -13.97 5.91 18.23
N ARG A 218 -14.30 5.00 19.15
CA ARG A 218 -15.53 5.13 19.93
C ARG A 218 -15.61 6.49 20.61
N ARG A 219 -14.47 6.98 21.10
CA ARG A 219 -14.42 8.21 21.87
C ARG A 219 -14.30 9.45 21.01
N MET A 220 -14.29 9.32 19.68
CA MET A 220 -14.22 10.48 18.80
C MET A 220 -15.63 10.97 18.49
N VAL A 221 -15.85 12.27 18.70
CA VAL A 221 -17.17 12.85 18.53
C VAL A 221 -17.43 13.12 17.06
N SER A 222 -18.62 12.76 16.58
CA SER A 222 -19.09 13.13 15.25
C SER A 222 -20.58 13.41 15.37
N ASN A 223 -21.01 14.54 14.78
CA ASN A 223 -22.42 14.94 14.79
C ASN A 223 -22.96 15.06 16.21
N GLY A 224 -22.10 15.48 17.14
CA GLY A 224 -22.50 15.61 18.53
C GLY A 224 -22.73 14.30 19.24
N ILE A 225 -22.38 13.18 18.63
CA ILE A 225 -22.55 11.86 19.23
C ILE A 225 -21.18 11.32 19.62
N VAL A 226 -21.17 10.41 20.59
CA VAL A 226 -19.95 9.73 21.00
C VAL A 226 -20.36 8.54 21.85
N GLU A 227 -19.51 7.51 21.84
CA GLU A 227 -19.73 6.32 22.66
C GLU A 227 -18.92 6.39 23.94
N ASP A 228 -19.44 5.76 25.00
CA ASP A 228 -18.65 5.57 26.20
C ASP A 228 -17.43 4.72 25.90
N TYR A 229 -16.43 4.79 26.77
CA TYR A 229 -15.34 3.83 26.64
C TYR A 229 -15.85 2.45 27.02
N LYS A 230 -15.53 1.47 26.19
CA LYS A 230 -15.72 0.07 26.52
C LYS A 230 -14.48 -0.68 26.05
N PRO A 231 -14.09 -1.73 26.76
CA PRO A 231 -13.01 -2.58 26.26
C PRO A 231 -13.48 -3.37 25.06
N PRO A 232 -12.56 -3.98 24.30
CA PRO A 232 -12.99 -4.84 23.20
C PRO A 232 -13.77 -6.04 23.72
N PHE A 233 -14.82 -6.42 22.96
CA PHE A 233 -15.68 -7.54 23.31
C PHE A 233 -16.31 -7.36 24.69
N TYR A 234 -16.65 -6.12 25.03
CA TYR A 234 -17.25 -5.84 26.33
C TYR A 234 -18.60 -6.52 26.51
N ASP A 235 -19.30 -6.78 25.40
CA ASP A 235 -20.69 -7.22 25.44
C ASP A 235 -20.86 -8.72 25.29
N VAL A 236 -19.78 -9.48 25.15
CA VAL A 236 -19.86 -10.91 24.88
C VAL A 236 -18.96 -11.74 25.79
N VAL A 237 -18.14 -11.10 26.63
CA VAL A 237 -17.32 -11.84 27.61
C VAL A 237 -17.34 -11.10 28.93
N PRO A 238 -17.13 -11.81 30.03
CA PRO A 238 -17.04 -11.16 31.35
C PRO A 238 -15.67 -10.54 31.56
N ASN A 239 -15.50 -9.94 32.74
CA ASN A 239 -14.18 -9.45 33.13
C ASN A 239 -13.26 -10.63 33.44
N ASP A 240 -11.97 -10.41 33.21
CA ASP A 240 -10.97 -11.47 33.25
C ASP A 240 -11.44 -12.70 32.47
N PRO A 241 -11.71 -12.56 31.18
CA PRO A 241 -12.24 -13.70 30.43
C PRO A 241 -11.21 -14.80 30.26
N SER A 242 -11.68 -16.04 30.32
CA SER A 242 -10.79 -17.18 30.19
C SER A 242 -10.37 -17.35 28.73
N PHE A 243 -9.31 -18.15 28.53
CA PHE A 243 -8.88 -18.49 27.18
C PHE A 243 -10.02 -19.13 26.40
N GLU A 244 -10.88 -19.90 27.06
CA GLU A 244 -11.98 -20.57 26.37
C GLU A 244 -13.06 -19.58 25.95
N ASP A 245 -13.40 -18.63 26.84
CA ASP A 245 -14.37 -17.60 26.49
C ASP A 245 -13.95 -16.86 25.22
N MET A 246 -12.67 -16.50 25.13
CA MET A 246 -12.19 -15.75 23.97
C MET A 246 -12.22 -16.60 22.71
N ARG A 247 -11.88 -17.88 22.82
CA ARG A 247 -11.89 -18.75 21.64
C ARG A 247 -13.31 -18.95 21.11
N LYS A 248 -14.29 -19.03 22.00
CA LYS A 248 -15.68 -19.20 21.56
C LYS A 248 -16.15 -17.97 20.78
N VAL A 249 -15.79 -16.79 21.25
CA VAL A 249 -16.32 -15.56 20.66
C VAL A 249 -15.63 -15.23 19.33
N VAL A 250 -14.31 -15.36 19.29
CA VAL A 250 -13.54 -14.94 18.12
C VAL A 250 -13.46 -16.06 17.09
N CYS A 251 -13.14 -17.29 17.52
CA CYS A 251 -12.86 -18.35 16.56
C CYS A 251 -14.13 -19.08 16.12
N VAL A 252 -15.05 -19.33 17.04
CA VAL A 252 -16.24 -20.13 16.74
C VAL A 252 -17.41 -19.27 16.30
N ASP A 253 -17.76 -18.24 17.07
CA ASP A 253 -18.84 -17.35 16.69
C ASP A 253 -18.40 -16.30 15.67
N GLN A 254 -17.11 -16.25 15.33
CA GLN A 254 -16.58 -15.36 14.30
C GLN A 254 -17.00 -13.90 14.55
N GLN A 255 -16.92 -13.48 15.81
CA GLN A 255 -17.42 -12.17 16.20
C GLN A 255 -16.29 -11.16 16.29
N ARG A 256 -16.60 -9.93 15.92
CA ARG A 256 -15.70 -8.79 15.94
C ARG A 256 -16.40 -7.62 16.63
N PRO A 257 -15.63 -6.66 17.15
CA PRO A 257 -16.27 -5.50 17.78
C PRO A 257 -17.23 -4.81 16.84
N ASN A 258 -18.36 -4.39 17.38
CA ASN A 258 -19.45 -3.84 16.58
C ASN A 258 -19.17 -2.40 16.19
N ILE A 259 -19.42 -2.09 14.92
CA ILE A 259 -19.25 -0.75 14.39
C ILE A 259 -20.56 0.01 14.59
N PRO A 260 -20.58 1.09 15.38
CA PRO A 260 -21.79 1.91 15.47
C PRO A 260 -22.17 2.46 14.10
N ASN A 261 -23.48 2.53 13.84
CA ASN A 261 -23.95 3.03 12.56
C ASN A 261 -23.60 4.49 12.36
N ARG A 262 -23.47 5.25 13.46
CA ARG A 262 -23.19 6.68 13.34
C ARG A 262 -21.81 6.95 12.75
N TRP A 263 -20.88 6.00 12.85
CA TRP A 263 -19.56 6.20 12.26
C TRP A 263 -19.65 6.42 10.75
N PHE A 264 -20.56 5.71 10.10
CA PHE A 264 -20.67 5.78 8.65
C PHE A 264 -21.25 7.10 8.17
N SER A 265 -21.86 7.89 9.04
CA SER A 265 -22.18 9.27 8.68
C SER A 265 -20.95 10.17 8.66
N ASP A 266 -19.82 9.69 9.17
CA ASP A 266 -18.59 10.47 9.23
C ASP A 266 -17.54 9.83 8.32
N PRO A 267 -16.96 10.57 7.37
CA PRO A 267 -15.98 9.94 6.48
C PRO A 267 -14.68 9.56 7.17
N THR A 268 -14.31 10.23 8.27
CA THR A 268 -13.10 9.86 8.99
C THR A 268 -13.31 8.55 9.76
N LEU A 269 -14.40 8.46 10.53
CA LEU A 269 -14.71 7.22 11.21
C LEU A 269 -15.02 6.09 10.22
N THR A 270 -15.40 6.43 8.99
CA THR A 270 -15.63 5.41 7.98
C THR A 270 -14.32 4.75 7.55
N SER A 271 -13.26 5.56 7.36
CA SER A 271 -11.98 5.01 6.97
C SER A 271 -11.36 4.18 8.09
N LEU A 272 -11.42 4.68 9.32
CA LEU A 272 -10.95 3.89 10.46
C LEU A 272 -11.70 2.58 10.56
N ALA A 273 -13.00 2.58 10.27
CA ALA A 273 -13.78 1.35 10.28
C ALA A 273 -13.24 0.37 9.25
N LYS A 274 -12.96 0.84 8.03
CA LYS A 274 -12.36 -0.02 7.02
C LYS A 274 -10.97 -0.48 7.44
N LEU A 275 -10.25 0.35 8.21
CA LEU A 275 -8.93 -0.05 8.69
C LEU A 275 -9.05 -1.17 9.73
N MET A 276 -10.02 -1.07 10.63
CA MET A 276 -10.21 -2.11 11.64
C MET A 276 -10.50 -3.46 11.00
N LYS A 277 -11.42 -3.48 10.03
CA LYS A 277 -11.80 -4.73 9.38
C LYS A 277 -10.59 -5.44 8.78
N GLU A 278 -9.70 -4.68 8.15
CA GLU A 278 -8.53 -5.27 7.51
C GLU A 278 -7.42 -5.61 8.50
N CYS A 279 -7.63 -5.36 9.79
CA CYS A 279 -6.77 -5.89 10.85
C CYS A 279 -7.37 -7.13 11.51
N TRP A 280 -8.61 -7.47 11.20
CA TRP A 280 -9.37 -8.49 11.92
C TRP A 280 -9.63 -9.75 11.10
N TYR A 281 -9.03 -9.88 9.92
CA TYR A 281 -9.22 -11.08 9.12
C TYR A 281 -8.81 -12.31 9.90
N GLN A 282 -9.61 -13.37 9.77
CA GLN A 282 -9.23 -14.65 10.37
C GLN A 282 -7.93 -15.16 9.76
N ASN A 283 -7.74 -14.94 8.47
CA ASN A 283 -6.51 -15.31 7.78
C ASN A 283 -5.43 -14.28 8.09
N PRO A 284 -4.39 -14.64 8.84
CA PRO A 284 -3.39 -13.64 9.24
C PRO A 284 -2.65 -13.04 8.06
N SER A 285 -2.47 -13.79 6.97
CA SER A 285 -1.80 -13.25 5.79
C SER A 285 -2.59 -12.15 5.11
N ALA A 286 -3.90 -12.10 5.32
CA ALA A 286 -4.73 -11.09 4.68
C ALA A 286 -4.71 -9.76 5.42
N ARG A 287 -4.14 -9.70 6.61
CA ARG A 287 -4.15 -8.48 7.41
C ARG A 287 -3.11 -7.48 6.89
N LEU A 288 -3.42 -6.20 7.08
CA LEU A 288 -2.51 -5.13 6.71
C LEU A 288 -1.21 -5.24 7.51
N THR A 289 -0.17 -4.62 6.98
CA THR A 289 1.06 -4.41 7.73
C THR A 289 0.98 -3.07 8.46
N ALA A 290 1.85 -2.90 9.47
CA ALA A 290 1.89 -1.63 10.18
C ALA A 290 2.28 -0.48 9.26
N LEU A 291 3.17 -0.76 8.30
CA LEU A 291 3.60 0.28 7.37
C LEU A 291 2.46 0.72 6.46
N ARG A 292 1.62 -0.21 6.02
CA ARG A 292 0.47 0.15 5.19
C ARG A 292 -0.57 0.91 6.00
N ILE A 293 -0.77 0.54 7.26
CA ILE A 293 -1.69 1.26 8.14
C ILE A 293 -1.22 2.70 8.32
N LYS A 294 0.10 2.88 8.47
CA LYS A 294 0.64 4.22 8.66
C LYS A 294 0.39 5.10 7.44
N LYS A 295 0.73 4.59 6.24
CA LYS A 295 0.52 5.37 5.02
C LYS A 295 -0.94 5.72 4.84
N THR A 296 -1.85 4.78 5.12
CA THR A 296 -3.28 5.06 5.01
C THR A 296 -3.69 6.17 5.96
N LEU A 297 -3.24 6.10 7.21
CA LEU A 297 -3.61 7.12 8.19
C LEU A 297 -3.03 8.48 7.84
N THR A 298 -1.86 8.52 7.19
CA THR A 298 -1.27 9.78 6.79
C THR A 298 -2.10 10.48 5.72
N LYS A 299 -2.64 9.70 4.77
CA LYS A 299 -3.44 10.29 3.71
C LYS A 299 -4.71 10.93 4.25
N ILE A 300 -5.23 10.43 5.37
CA ILE A 300 -6.46 10.98 5.93
C ILE A 300 -6.22 12.38 6.47
N ASP A 301 -5.09 12.59 7.14
CA ASP A 301 -4.72 13.89 7.71
C ASP A 301 -5.81 14.42 8.63
N THR B 5 28.16 1.68 -14.94
CA THR B 5 27.68 3.05 -14.83
C THR B 5 26.15 3.08 -14.94
N VAL B 6 25.52 3.98 -14.18
CA VAL B 6 24.07 4.09 -14.18
C VAL B 6 23.59 5.10 -15.20
N ALA B 7 24.30 6.22 -15.34
CA ALA B 7 23.82 7.33 -16.17
C ALA B 7 23.70 6.98 -17.65
N ARG B 8 24.22 5.84 -18.08
CA ARG B 8 24.12 5.44 -19.48
C ARG B 8 22.81 4.76 -19.82
N ASP B 9 21.97 4.45 -18.82
CA ASP B 9 20.70 3.79 -19.03
C ASP B 9 19.50 4.72 -18.91
N ILE B 10 19.68 5.94 -18.40
CA ILE B 10 18.56 6.84 -18.17
C ILE B 10 18.09 7.41 -19.50
N THR B 11 16.77 7.36 -19.72
CA THR B 11 16.15 7.98 -20.88
C THR B 11 15.46 9.27 -20.43
N LEU B 12 15.93 10.40 -20.95
CA LEU B 12 15.38 11.70 -20.55
C LEU B 12 14.01 11.89 -21.19
N LEU B 13 12.96 11.91 -20.38
CA LEU B 13 11.59 11.98 -20.87
C LEU B 13 11.09 13.42 -20.99
N GLU B 14 11.24 14.22 -19.94
CA GLU B 14 10.74 15.59 -19.97
C GLU B 14 11.56 16.45 -19.02
N CYS B 15 11.70 17.73 -19.39
CA CYS B 15 12.38 18.71 -18.56
C CYS B 15 11.40 19.30 -17.57
N VAL B 16 11.68 19.11 -16.27
CA VAL B 16 10.78 19.55 -15.20
C VAL B 16 11.28 20.79 -14.50
N GLY B 17 12.41 21.36 -14.92
CA GLY B 17 12.95 22.57 -14.34
C GLY B 17 14.14 23.07 -15.13
N LYS B 18 14.30 24.38 -15.24
CA LYS B 18 15.38 24.94 -16.06
C LYS B 18 15.72 26.33 -15.55
N GLY B 19 17.02 26.61 -15.43
CA GLY B 19 17.47 27.91 -14.97
C GLY B 19 18.98 28.09 -15.06
N ARG B 20 19.53 28.94 -14.19
CA ARG B 20 20.96 29.22 -14.23
C ARG B 20 21.78 28.00 -13.81
N TYR B 21 21.37 27.35 -12.72
CA TYR B 21 22.10 26.17 -12.24
C TYR B 21 22.16 25.08 -13.29
N GLY B 22 21.17 25.04 -14.20
CA GLY B 22 21.12 24.03 -15.23
C GLY B 22 19.68 23.66 -15.55
N GLU B 23 19.41 22.36 -15.65
CA GLU B 23 18.05 21.90 -15.86
C GLU B 23 17.89 20.54 -15.21
N VAL B 24 16.69 20.28 -14.70
CA VAL B 24 16.33 19.01 -14.09
C VAL B 24 15.36 18.29 -15.02
N TRP B 25 15.59 17.01 -15.25
CA TRP B 25 14.79 16.22 -16.17
C TRP B 25 14.14 15.05 -15.44
N ARG B 26 12.91 14.73 -15.81
CA ARG B 26 12.31 13.46 -15.44
C ARG B 26 12.75 12.40 -16.45
N GLY B 27 13.30 11.30 -15.94
CA GLY B 27 13.79 10.24 -16.79
C GLY B 27 13.41 8.89 -16.21
N SER B 28 13.56 7.87 -17.06
CA SER B 28 13.27 6.49 -16.68
C SER B 28 14.57 5.72 -16.55
N TRP B 29 14.69 4.95 -15.47
CA TRP B 29 15.83 4.07 -15.26
C TRP B 29 15.30 2.73 -14.78
N GLN B 30 15.31 1.74 -15.67
CA GLN B 30 14.79 0.40 -15.38
C GLN B 30 13.35 0.47 -14.89
N GLY B 31 12.53 1.22 -15.61
CA GLY B 31 11.11 1.27 -15.32
C GLY B 31 10.74 2.36 -14.35
N GLU B 32 11.58 2.58 -13.34
CA GLU B 32 11.31 3.58 -12.32
C GLU B 32 11.58 4.99 -12.85
N ASN B 33 10.97 5.96 -12.19
CA ASN B 33 11.21 7.36 -12.50
C ASN B 33 12.35 7.91 -11.66
N VAL B 34 13.18 8.75 -12.27
CA VAL B 34 14.30 9.40 -11.59
C VAL B 34 14.42 10.83 -12.08
N ALA B 35 14.96 11.68 -11.23
CA ALA B 35 15.27 13.05 -11.58
C ALA B 35 16.76 13.16 -11.90
N VAL B 36 17.08 13.81 -13.02
CA VAL B 36 18.46 14.04 -13.44
C VAL B 36 18.67 15.54 -13.54
N LYS B 37 19.59 16.06 -12.74
CA LYS B 37 20.00 17.45 -12.80
C LYS B 37 21.27 17.53 -13.64
N ILE B 38 21.17 18.15 -14.81
CA ILE B 38 22.29 18.30 -15.72
C ILE B 38 22.88 19.70 -15.51
N PHE B 39 24.03 19.76 -14.85
CA PHE B 39 24.65 21.03 -14.53
C PHE B 39 25.26 21.66 -15.76
N SER B 40 25.51 22.97 -15.66
CA SER B 40 26.32 23.66 -16.65
C SER B 40 27.79 23.47 -16.33
N SER B 41 28.64 23.62 -17.35
CA SER B 41 30.08 23.54 -17.11
C SER B 41 30.55 24.66 -16.20
N ARG B 42 29.85 25.79 -16.21
CA ARG B 42 30.17 26.92 -15.34
C ARG B 42 29.76 26.69 -13.89
N ASP B 43 29.00 25.63 -13.61
CA ASP B 43 28.57 25.31 -12.25
C ASP B 43 29.19 24.00 -11.76
N GLU B 44 30.39 23.68 -12.26
CA GLU B 44 31.04 22.43 -11.91
C GLU B 44 31.31 22.32 -10.41
N LYS B 45 31.69 23.43 -9.78
CA LYS B 45 32.06 23.41 -8.36
C LYS B 45 30.86 23.05 -7.49
N SER B 46 29.66 23.53 -7.84
CA SER B 46 28.47 23.14 -7.11
C SER B 46 28.18 21.66 -7.29
N TRP B 47 28.38 21.13 -8.50
CA TRP B 47 28.15 19.72 -8.74
C TRP B 47 29.00 18.85 -7.83
N PHE B 48 30.25 19.26 -7.58
CA PHE B 48 31.13 18.45 -6.74
C PHE B 48 30.77 18.56 -5.27
N ARG B 49 30.35 19.75 -4.82
CA ARG B 49 29.99 19.92 -3.42
C ARG B 49 28.76 19.08 -3.07
N GLU B 50 27.80 19.02 -4.00
CA GLU B 50 26.60 18.21 -3.76
C GLU B 50 26.93 16.73 -3.82
N THR B 51 27.69 16.31 -4.83
CA THR B 51 28.14 14.93 -4.93
C THR B 51 28.90 14.52 -3.67
N GLU B 52 29.95 15.27 -3.34
CA GLU B 52 30.83 14.94 -2.22
C GLU B 52 30.05 14.72 -0.93
N LEU B 53 29.01 15.53 -0.69
CA LEU B 53 28.18 15.34 0.50
C LEU B 53 27.43 14.01 0.43
N TYR B 54 26.80 13.73 -0.70
CA TYR B 54 26.17 12.42 -0.89
C TYR B 54 27.21 11.31 -0.99
N ASN B 55 28.34 11.59 -1.64
CA ASN B 55 29.27 10.54 -2.03
C ASN B 55 30.22 10.15 -0.91
N THR B 56 30.64 11.12 -0.09
CA THR B 56 31.64 10.88 0.94
C THR B 56 31.10 11.04 2.36
N VAL B 57 30.24 12.03 2.58
CA VAL B 57 29.58 12.15 3.88
C VAL B 57 28.46 11.12 4.04
N MET B 58 27.99 10.54 2.92
CA MET B 58 26.91 9.56 2.93
C MET B 58 25.65 10.13 3.56
N LEU B 59 25.29 11.33 3.12
CA LEU B 59 24.14 12.05 3.68
C LEU B 59 22.85 11.33 3.30
N ARG B 60 22.06 10.96 4.32
CA ARG B 60 20.79 10.27 4.08
C ARG B 60 19.84 10.61 5.21
N HIS B 61 18.60 10.94 4.85
CA HIS B 61 17.57 11.34 5.80
C HIS B 61 16.24 11.36 5.06
N GLU B 62 15.16 11.10 5.80
CA GLU B 62 13.84 11.10 5.19
C GLU B 62 13.49 12.47 4.61
N ASN B 63 13.94 13.54 5.27
CA ASN B 63 13.62 14.90 4.86
C ASN B 63 14.78 15.57 4.13
N ILE B 64 15.59 14.79 3.43
CA ILE B 64 16.67 15.27 2.59
C ILE B 64 16.61 14.49 1.28
N LEU B 65 16.68 15.20 0.15
CA LEU B 65 16.53 14.58 -1.16
C LEU B 65 17.49 13.40 -1.32
N GLY B 66 16.97 12.29 -1.80
CA GLY B 66 17.69 11.03 -1.80
C GLY B 66 18.62 10.79 -2.97
N PHE B 67 19.89 10.55 -2.67
CA PHE B 67 20.93 10.39 -3.68
C PHE B 67 20.88 8.99 -4.28
N ILE B 68 21.06 8.92 -5.60
CA ILE B 68 21.16 7.63 -6.30
C ILE B 68 22.54 7.53 -6.95
N ALA B 69 22.82 8.39 -7.92
CA ALA B 69 24.07 8.31 -8.64
C ALA B 69 24.55 9.70 -9.01
N SER B 70 25.86 9.81 -9.22
CA SER B 70 26.51 11.03 -9.69
C SER B 70 27.58 10.65 -10.70
N ASP B 71 27.63 11.39 -11.81
CA ASP B 71 28.51 11.05 -12.92
C ASP B 71 29.07 12.31 -13.55
N MET B 72 30.37 12.31 -13.79
CA MET B 72 31.02 13.34 -14.60
C MET B 72 31.86 12.67 -15.67
N THR B 73 31.76 13.17 -16.90
CA THR B 73 32.68 12.83 -17.97
C THR B 73 33.20 14.14 -18.54
N SER B 74 34.53 14.26 -18.62
CA SER B 74 35.19 15.48 -19.08
C SER B 74 36.24 15.12 -20.11
N ARG B 75 36.10 15.67 -21.32
CA ARG B 75 37.02 15.40 -22.42
C ARG B 75 37.83 16.63 -22.80
N HIS B 76 37.18 17.72 -23.20
CA HIS B 76 37.88 18.94 -23.57
C HIS B 76 36.96 20.16 -23.49
N SER B 78 32.76 18.24 -24.35
CA SER B 78 33.47 19.05 -23.37
C SER B 78 33.41 18.41 -21.99
N THR B 79 32.41 18.80 -21.21
CA THR B 79 32.21 18.26 -19.87
C THR B 79 30.72 18.13 -19.61
N GLN B 80 30.31 16.98 -19.07
CA GLN B 80 28.92 16.71 -18.74
C GLN B 80 28.83 16.31 -17.27
N LEU B 81 27.98 17.00 -16.51
CA LEU B 81 27.83 16.78 -15.08
C LEU B 81 26.40 16.35 -14.80
N TRP B 82 26.23 15.18 -14.19
CA TRP B 82 24.92 14.61 -13.92
C TRP B 82 24.79 14.27 -12.44
N LEU B 83 23.67 14.65 -11.84
CA LEU B 83 23.28 14.21 -10.52
C LEU B 83 21.92 13.53 -10.62
N ILE B 84 21.84 12.30 -10.12
CA ILE B 84 20.64 11.48 -10.23
C ILE B 84 20.12 11.21 -8.82
N THR B 85 18.91 11.67 -8.54
CA THR B 85 18.27 11.50 -7.23
C THR B 85 16.89 10.88 -7.44
N HIS B 86 16.22 10.61 -6.32
CA HIS B 86 14.84 10.13 -6.39
C HIS B 86 13.94 11.16 -7.06
N TYR B 87 12.88 10.67 -7.69
CA TYR B 87 11.90 11.55 -8.31
C TYR B 87 10.76 11.80 -7.34
N HIS B 88 10.22 13.02 -7.38
CA HIS B 88 9.13 13.43 -6.50
C HIS B 88 8.09 14.13 -7.37
N GLU B 89 7.02 13.40 -7.71
CA GLU B 89 6.07 13.87 -8.71
C GLU B 89 5.39 15.17 -8.29
N MET B 90 5.31 15.44 -6.98
CA MET B 90 4.66 16.65 -6.51
C MET B 90 5.45 17.91 -6.79
N GLY B 91 6.72 17.79 -7.17
CA GLY B 91 7.52 18.94 -7.51
C GLY B 91 7.97 19.72 -6.29
N SER B 92 8.37 20.97 -6.55
CA SER B 92 8.88 21.82 -5.49
C SER B 92 7.74 22.29 -4.60
N LEU B 93 8.08 22.58 -3.33
CA LEU B 93 7.10 23.16 -2.42
C LEU B 93 6.54 24.46 -2.96
N TYR B 94 7.38 25.26 -3.64
CA TYR B 94 6.92 26.49 -4.26
C TYR B 94 5.76 26.24 -5.21
N ASP B 95 5.91 25.24 -6.10
CA ASP B 95 4.82 24.89 -7.00
C ASP B 95 3.64 24.31 -6.24
N TYR B 96 3.91 23.36 -5.33
CA TYR B 96 2.85 22.65 -4.63
C TYR B 96 1.93 23.61 -3.87
N LEU B 97 2.47 24.71 -3.35
CA LEU B 97 1.65 25.69 -2.65
C LEU B 97 0.84 26.57 -3.60
N GLN B 98 1.19 26.57 -4.90
CA GLN B 98 0.46 27.41 -5.84
C GLN B 98 -0.99 26.97 -6.01
N LEU B 99 -1.24 25.66 -5.91
CA LEU B 99 -2.57 25.12 -6.15
C LEU B 99 -3.19 24.44 -4.94
N THR B 100 -2.45 24.25 -3.85
CA THR B 100 -2.94 23.49 -2.71
C THR B 100 -3.09 24.38 -1.49
N THR B 101 -4.23 24.25 -0.81
CA THR B 101 -4.42 24.80 0.52
C THR B 101 -4.23 23.68 1.55
N LEU B 102 -3.94 24.08 2.78
CA LEU B 102 -3.55 23.13 3.82
C LEU B 102 -4.45 23.27 5.04
N ASP B 103 -4.48 22.21 5.84
CA ASP B 103 -5.11 22.22 7.16
C ASP B 103 -4.03 22.09 8.22
N THR B 104 -4.47 22.12 9.49
CA THR B 104 -3.53 22.14 10.61
C THR B 104 -2.56 20.97 10.56
N VAL B 105 -3.07 19.77 10.23
CA VAL B 105 -2.23 18.58 10.26
C VAL B 105 -1.24 18.58 9.11
N SER B 106 -1.71 18.85 7.89
CA SER B 106 -0.83 18.84 6.73
C SER B 106 0.15 20.00 6.77
N CYS B 107 -0.27 21.16 7.28
CA CYS B 107 0.62 22.30 7.37
C CYS B 107 1.78 22.02 8.32
N LEU B 108 1.48 21.48 9.50
CA LEU B 108 2.54 21.13 10.44
C LEU B 108 3.42 20.01 9.89
N ARG B 109 2.81 19.05 9.18
CA ARG B 109 3.59 17.95 8.61
C ARG B 109 4.62 18.48 7.63
N ILE B 110 4.26 19.50 6.85
CA ILE B 110 5.23 20.14 5.96
C ILE B 110 6.35 20.79 6.77
N VAL B 111 5.99 21.71 7.67
CA VAL B 111 7.00 22.55 8.31
C VAL B 111 7.84 21.75 9.30
N LEU B 112 7.26 20.71 9.91
CA LEU B 112 8.04 19.88 10.83
C LEU B 112 9.02 18.98 10.10
N SER B 113 8.68 18.55 8.88
CA SER B 113 9.63 17.76 8.11
C SER B 113 10.77 18.63 7.60
N ILE B 114 10.48 19.88 7.22
CA ILE B 114 11.55 20.79 6.82
C ILE B 114 12.48 21.06 7.99
N ALA B 115 11.92 21.22 9.19
CA ALA B 115 12.74 21.49 10.37
C ALA B 115 13.63 20.30 10.70
N SER B 116 13.06 19.09 10.74
CA SER B 116 13.86 17.91 11.07
C SER B 116 14.94 17.68 10.02
N GLY B 117 14.63 17.93 8.75
CA GLY B 117 15.65 17.85 7.72
C GLY B 117 16.73 18.89 7.89
N LEU B 118 16.33 20.15 8.12
CA LEU B 118 17.31 21.20 8.37
C LEU B 118 18.10 20.91 9.64
N ALA B 119 17.43 20.41 10.68
CA ALA B 119 18.13 20.12 11.93
C ALA B 119 19.13 18.98 11.77
N HIS B 120 18.83 18.00 10.93
CA HIS B 120 19.79 16.93 10.69
C HIS B 120 21.05 17.47 10.04
N LEU B 121 20.90 18.38 9.07
CA LEU B 121 22.06 19.00 8.42
C LEU B 121 22.94 19.71 9.44
N HIS B 122 22.32 20.50 10.32
CA HIS B 122 23.09 21.43 11.16
C HIS B 122 23.87 20.73 12.26
N ILE B 123 23.37 19.60 12.77
CA ILE B 123 24.00 18.97 13.93
C ILE B 123 25.19 18.14 13.48
N GLU B 124 26.29 18.25 14.23
CA GLU B 124 27.46 17.43 13.98
C GLU B 124 27.29 16.07 14.64
N ILE B 125 27.54 15.00 13.89
CA ILE B 125 27.43 13.63 14.37
C ILE B 125 28.81 13.01 14.39
N PHE B 126 29.11 12.30 15.47
CA PHE B 126 30.41 11.65 15.65
C PHE B 126 30.26 10.14 15.44
N GLY B 127 31.41 9.48 15.34
CA GLY B 127 31.47 8.04 15.18
C GLY B 127 31.87 7.64 13.77
N THR B 128 32.00 6.32 13.59
CA THR B 128 32.36 5.78 12.29
C THR B 128 31.27 5.99 11.25
N GLN B 129 30.02 6.17 11.67
CA GLN B 129 28.91 6.47 10.79
C GLN B 129 28.43 7.91 10.93
N GLY B 130 29.33 8.81 11.32
CA GLY B 130 28.98 10.19 11.60
C GLY B 130 29.09 11.08 10.39
N LYS B 131 29.06 12.39 10.65
CA LYS B 131 29.06 13.40 9.60
C LYS B 131 29.38 14.75 10.24
N PRO B 132 29.92 15.69 9.47
CA PRO B 132 30.13 17.05 9.98
C PRO B 132 28.87 17.89 9.88
N ALA B 133 28.89 19.00 10.62
CA ALA B 133 27.78 19.95 10.56
C ALA B 133 27.73 20.61 9.19
N ILE B 134 26.51 20.80 8.69
CA ILE B 134 26.29 21.30 7.34
C ILE B 134 25.29 22.45 7.39
N ALA B 135 25.60 23.52 6.67
CA ALA B 135 24.70 24.66 6.50
C ALA B 135 24.34 24.78 5.03
N HIS B 136 23.05 24.96 4.75
CA HIS B 136 22.53 24.79 3.39
C HIS B 136 22.89 25.96 2.48
N ARG B 137 22.52 27.18 2.86
CA ARG B 137 22.88 28.46 2.24
C ARG B 137 22.05 28.80 1.00
N ASP B 138 21.08 27.99 0.60
CA ASP B 138 20.16 28.38 -0.46
C ASP B 138 18.78 27.78 -0.17
N LEU B 139 18.31 27.94 1.06
CA LEU B 139 17.04 27.39 1.48
C LEU B 139 15.90 28.29 0.99
N LYS B 140 14.96 27.70 0.27
CA LYS B 140 13.77 28.41 -0.19
C LYS B 140 12.76 27.36 -0.66
N SER B 141 11.57 27.83 -1.04
CA SER B 141 10.50 26.90 -1.40
C SER B 141 10.77 26.18 -2.72
N LYS B 142 11.49 26.82 -3.65
CA LYS B 142 11.82 26.13 -4.89
C LYS B 142 12.91 25.08 -4.70
N ASN B 143 13.55 25.03 -3.54
CA ASN B 143 14.58 24.04 -3.25
C ASN B 143 14.11 23.01 -2.22
N ILE B 144 12.80 22.94 -1.96
CA ILE B 144 12.20 21.96 -1.08
C ILE B 144 11.19 21.16 -1.89
N LEU B 145 11.22 19.84 -1.75
CA LEU B 145 10.41 18.95 -2.57
C LEU B 145 9.34 18.27 -1.73
N VAL B 146 8.13 18.21 -2.27
CA VAL B 146 7.00 17.61 -1.58
C VAL B 146 6.89 16.14 -1.97
N LYS B 147 6.75 15.27 -0.98
CA LYS B 147 6.52 13.85 -1.22
C LYS B 147 5.02 13.58 -1.34
N LYS B 148 4.69 12.33 -1.68
CA LYS B 148 3.29 11.92 -1.71
C LYS B 148 2.75 11.64 -0.32
N ASN B 149 3.62 11.41 0.67
CA ASN B 149 3.19 11.18 2.05
C ASN B 149 3.03 12.48 2.84
N GLY B 150 2.93 13.62 2.15
CA GLY B 150 2.71 14.89 2.80
C GLY B 150 3.94 15.55 3.39
N GLN B 151 5.04 14.82 3.56
CA GLN B 151 6.26 15.40 4.10
C GLN B 151 7.08 16.05 2.99
N CYS B 152 8.17 16.70 3.37
CA CYS B 152 9.04 17.40 2.45
C CYS B 152 10.48 16.92 2.61
N CYS B 153 11.31 17.26 1.62
CA CYS B 153 12.74 17.00 1.68
C CYS B 153 13.50 18.18 1.09
N ILE B 154 14.63 18.50 1.70
CA ILE B 154 15.48 19.61 1.27
C ILE B 154 16.43 19.11 0.19
N ALA B 155 16.58 19.88 -0.88
CA ALA B 155 17.12 19.36 -2.14
C ALA B 155 18.50 19.91 -2.50
N ASP B 156 18.65 21.22 -2.63
CA ASP B 156 19.76 21.81 -3.40
C ASP B 156 20.94 22.11 -2.48
N LEU B 157 21.97 21.25 -2.52
CA LEU B 157 23.11 21.32 -1.61
C LEU B 157 24.39 21.79 -2.28
N GLY B 158 24.29 22.50 -3.40
CA GLY B 158 25.48 22.91 -4.12
C GLY B 158 26.31 23.96 -3.37
N LEU B 159 25.66 24.81 -2.58
CA LEU B 159 26.33 25.89 -1.88
C LEU B 159 26.60 25.58 -0.42
N ALA B 160 26.50 24.32 -0.01
CA ALA B 160 26.62 23.98 1.40
C ALA B 160 28.06 24.14 1.89
N VAL B 161 28.20 24.47 3.17
CA VAL B 161 29.49 24.55 3.83
C VAL B 161 29.50 23.57 4.99
N MET B 162 30.64 22.92 5.20
CA MET B 162 30.79 21.89 6.22
C MET B 162 31.69 22.37 7.34
N HIS B 163 31.51 21.79 8.52
CA HIS B 163 32.40 22.07 9.64
C HIS B 163 32.35 20.90 10.63
N SER B 164 33.52 20.38 10.96
CA SER B 164 33.69 19.42 12.04
C SER B 164 34.71 19.98 13.01
N GLN B 165 34.63 19.50 14.26
CA GLN B 165 35.57 19.94 15.29
C GLN B 165 36.99 19.59 14.89
N SER B 166 37.92 20.50 15.16
CA SER B 166 39.33 20.36 14.81
C SER B 166 39.50 20.14 13.31
N THR B 167 38.98 21.09 12.55
CA THR B 167 39.07 21.08 11.09
C THR B 167 38.65 22.45 10.57
N ASN B 168 39.30 22.89 9.50
CA ASN B 168 38.96 24.17 8.90
C ASN B 168 37.56 24.12 8.29
N GLN B 169 37.07 25.29 7.90
CA GLN B 169 35.73 25.42 7.33
C GLN B 169 35.77 25.19 5.83
N LEU B 170 34.88 24.34 5.34
CA LEU B 170 34.77 24.12 3.90
C LEU B 170 34.01 25.26 3.24
N ASP B 171 34.50 25.68 2.08
CA ASP B 171 33.90 26.80 1.36
C ASP B 171 34.34 26.80 -0.10
N ARG B 177 27.46 35.19 -0.79
CA ARG B 177 26.33 35.90 -1.40
C ARG B 177 25.97 35.29 -2.76
N VAL B 178 25.90 33.95 -2.82
CA VAL B 178 25.48 33.26 -4.03
C VAL B 178 24.05 32.74 -3.95
N GLY B 179 23.43 32.80 -2.78
CA GLY B 179 22.05 32.37 -2.64
C GLY B 179 21.09 33.32 -3.33
N THR B 180 19.81 32.95 -3.27
CA THR B 180 18.77 33.78 -3.86
C THR B 180 18.62 35.06 -3.05
N LYS B 181 18.62 36.20 -3.75
CA LYS B 181 18.66 37.50 -3.08
C LYS B 181 17.43 37.71 -2.21
N ARG B 182 16.26 37.29 -2.69
CA ARG B 182 15.03 37.48 -1.94
C ARG B 182 15.07 36.80 -0.58
N TYR B 183 15.88 35.75 -0.45
CA TYR B 183 15.99 35.00 0.79
C TYR B 183 17.25 35.33 1.59
N MET B 184 18.10 36.23 1.08
CA MET B 184 19.33 36.56 1.79
C MET B 184 19.03 37.23 3.12
N ALA B 185 19.88 36.96 4.11
CA ALA B 185 19.71 37.46 5.45
C ALA B 185 20.28 38.88 5.57
N PRO B 186 19.80 39.66 6.55
CA PRO B 186 20.31 41.03 6.70
C PRO B 186 21.82 41.12 6.84
N GLU B 187 22.45 40.21 7.60
CA GLU B 187 23.90 40.26 7.74
C GLU B 187 24.62 39.91 6.44
N VAL B 188 23.92 39.30 5.49
CA VAL B 188 24.48 39.09 4.15
C VAL B 188 24.28 40.31 3.28
N LEU B 189 23.13 40.98 3.40
CA LEU B 189 22.82 42.12 2.53
C LEU B 189 23.67 43.34 2.89
N ASP B 190 23.94 43.57 4.18
CA ASP B 190 24.84 44.64 4.58
C ASP B 190 26.26 44.16 4.81
N GLU B 191 26.54 42.89 4.53
CA GLU B 191 27.88 42.30 4.48
C GLU B 191 28.59 42.28 5.83
N THR B 192 27.84 42.36 6.94
CA THR B 192 28.43 42.28 8.26
C THR B 192 28.70 40.85 8.72
N ILE B 193 28.37 39.85 7.90
CA ILE B 193 28.46 38.46 8.33
C ILE B 193 29.93 38.07 8.50
N GLN B 194 30.24 37.47 9.64
CA GLN B 194 31.59 36.98 9.93
C GLN B 194 31.84 35.74 9.07
N VAL B 195 32.47 35.95 7.91
CA VAL B 195 32.38 34.99 6.81
C VAL B 195 33.05 33.66 7.16
N ASP B 196 34.15 33.66 7.90
CA ASP B 196 34.83 32.42 8.24
C ASP B 196 34.41 31.89 9.62
N CYS B 197 33.21 32.27 10.07
CA CYS B 197 32.59 31.69 11.26
C CYS B 197 31.44 30.81 10.81
N PHE B 198 31.47 29.53 11.20
CA PHE B 198 30.49 28.57 10.70
C PHE B 198 29.09 28.87 11.22
N ASP B 199 28.98 29.27 12.49
CA ASP B 199 27.66 29.50 13.08
C ASP B 199 26.91 30.64 12.39
N SER B 200 27.61 31.48 11.64
CA SER B 200 26.92 32.54 10.90
C SER B 200 26.12 31.96 9.74
N TYR B 201 26.56 30.84 9.16
CA TYR B 201 25.84 30.25 8.05
C TYR B 201 24.58 29.52 8.51
N LYS B 202 24.65 28.85 9.66
CA LYS B 202 23.46 28.21 10.22
C LYS B 202 22.37 29.24 10.49
N ARG B 203 22.75 30.44 10.95
CA ARG B 203 21.78 31.50 11.20
C ARG B 203 21.22 32.11 9.93
N VAL B 204 21.95 32.04 8.81
CA VAL B 204 21.37 32.41 7.53
C VAL B 204 20.32 31.39 7.10
N ASP B 205 20.58 30.11 7.36
CA ASP B 205 19.57 29.09 7.11
C ASP B 205 18.32 29.34 7.94
N ILE B 206 18.49 29.69 9.21
CA ILE B 206 17.33 29.96 10.07
C ILE B 206 16.54 31.14 9.54
N TRP B 207 17.22 32.14 8.98
CA TRP B 207 16.52 33.27 8.37
C TRP B 207 15.64 32.80 7.22
N ALA B 208 16.21 32.06 6.28
CA ALA B 208 15.45 31.62 5.11
C ALA B 208 14.32 30.68 5.52
N PHE B 209 14.57 29.81 6.48
CA PHE B 209 13.52 28.90 6.95
C PHE B 209 12.32 29.66 7.51
N GLY B 210 12.56 30.81 8.14
CA GLY B 210 11.46 31.62 8.62
C GLY B 210 10.63 32.21 7.50
N LEU B 211 11.29 32.66 6.43
CA LEU B 211 10.57 33.14 5.25
C LEU B 211 9.74 32.01 4.64
N VAL B 212 10.31 30.81 4.56
CA VAL B 212 9.58 29.66 4.02
C VAL B 212 8.43 29.29 4.94
N LEU B 213 8.63 29.40 6.25
CA LEU B 213 7.53 29.20 7.19
C LEU B 213 6.38 30.15 6.90
N TRP B 214 6.71 31.38 6.50
CA TRP B 214 5.68 32.36 6.16
C TRP B 214 4.94 31.97 4.89
N GLU B 215 5.66 31.50 3.87
CA GLU B 215 5.00 31.08 2.63
C GLU B 215 3.99 29.96 2.89
N VAL B 216 4.37 28.98 3.70
CA VAL B 216 3.51 27.82 3.93
C VAL B 216 2.29 28.22 4.76
N ALA B 217 2.50 29.03 5.81
CA ALA B 217 1.40 29.35 6.72
C ALA B 217 0.31 30.16 6.05
N ARG B 218 0.67 30.94 5.02
CA ARG B 218 -0.35 31.67 4.27
C ARG B 218 -1.34 30.73 3.61
N ARG B 219 -0.90 29.52 3.25
CA ARG B 219 -1.73 28.57 2.53
C ARG B 219 -2.50 27.63 3.42
N MET B 220 -2.41 27.79 4.75
CA MET B 220 -3.18 26.98 5.67
C MET B 220 -4.51 27.68 5.96
N VAL B 221 -5.61 27.02 5.65
CA VAL B 221 -6.93 27.58 5.92
C VAL B 221 -7.19 27.55 7.42
N SER B 222 -7.80 28.62 7.92
CA SER B 222 -8.28 28.66 9.30
C SER B 222 -9.54 29.51 9.32
N ASN B 223 -10.61 28.96 9.90
CA ASN B 223 -11.91 29.63 9.94
C ASN B 223 -12.40 29.98 8.54
N GLY B 224 -12.09 29.13 7.56
CA GLY B 224 -12.64 29.28 6.23
C GLY B 224 -12.02 30.35 5.37
N ILE B 225 -10.81 30.81 5.69
CA ILE B 225 -10.15 31.83 4.88
C ILE B 225 -8.67 31.49 4.76
N VAL B 226 -8.05 31.97 3.67
CA VAL B 226 -6.68 31.60 3.33
C VAL B 226 -6.15 32.66 2.37
N GLU B 227 -4.84 32.90 2.43
CA GLU B 227 -4.20 33.86 1.56
C GLU B 227 -3.65 33.17 0.32
N ASP B 228 -3.71 33.88 -0.82
CA ASP B 228 -3.06 33.41 -2.03
C ASP B 228 -1.56 33.33 -1.82
N TYR B 229 -0.90 32.46 -2.58
CA TYR B 229 0.54 32.36 -2.46
C TYR B 229 1.20 33.64 -2.97
N LYS B 230 2.09 34.18 -2.15
CA LYS B 230 2.96 35.28 -2.54
C LYS B 230 4.37 34.98 -2.05
N PRO B 231 5.39 35.23 -2.87
CA PRO B 231 6.77 35.05 -2.41
C PRO B 231 7.11 36.03 -1.31
N PRO B 232 8.18 35.78 -0.54
CA PRO B 232 8.56 36.72 0.51
C PRO B 232 8.88 38.10 -0.06
N PHE B 233 8.39 39.14 0.64
CA PHE B 233 8.59 40.53 0.23
C PHE B 233 7.99 40.81 -1.14
N TYR B 234 6.90 40.13 -1.50
CA TYR B 234 6.28 40.34 -2.79
C TYR B 234 5.80 41.78 -2.96
N ASP B 235 5.45 42.45 -1.86
CA ASP B 235 4.81 43.75 -1.91
C ASP B 235 5.78 44.92 -1.78
N VAL B 236 7.09 44.67 -1.72
CA VAL B 236 8.04 45.75 -1.50
C VAL B 236 9.23 45.65 -2.45
N VAL B 237 9.29 44.57 -3.22
CA VAL B 237 10.34 44.44 -4.24
C VAL B 237 9.73 43.90 -5.53
N PRO B 238 10.31 44.27 -6.66
CA PRO B 238 9.85 43.72 -7.95
C PRO B 238 10.40 42.32 -8.15
N ASN B 239 10.09 41.75 -9.31
CA ASN B 239 10.65 40.46 -9.67
C ASN B 239 12.15 40.58 -9.92
N ASP B 240 12.88 39.53 -9.58
CA ASP B 240 14.33 39.48 -9.70
C ASP B 240 14.99 40.70 -9.04
N PRO B 241 14.81 40.88 -7.73
CA PRO B 241 15.32 42.09 -7.08
C PRO B 241 16.83 42.08 -7.00
N SER B 242 17.40 43.28 -7.03
CA SER B 242 18.84 43.45 -6.93
C SER B 242 19.29 43.40 -5.47
N PHE B 243 20.61 43.35 -5.27
CA PHE B 243 21.16 43.44 -3.92
C PHE B 243 20.70 44.72 -3.22
N GLU B 244 20.58 45.81 -3.97
CA GLU B 244 20.29 47.11 -3.37
C GLU B 244 18.82 47.23 -2.99
N ASP B 245 17.91 46.69 -3.81
CA ASP B 245 16.50 46.69 -3.46
C ASP B 245 16.27 45.94 -2.15
N MET B 246 16.91 44.77 -1.99
CA MET B 246 16.75 43.99 -0.78
C MET B 246 17.39 44.69 0.42
N ARG B 247 18.56 45.31 0.22
CA ARG B 247 19.26 45.95 1.33
C ARG B 247 18.44 47.09 1.91
N LYS B 248 17.73 47.83 1.05
CA LYS B 248 16.90 48.93 1.53
C LYS B 248 15.73 48.41 2.35
N VAL B 249 15.12 47.31 1.93
CA VAL B 249 13.93 46.79 2.62
C VAL B 249 14.32 46.04 3.89
N VAL B 250 15.38 45.24 3.84
CA VAL B 250 15.73 44.37 4.97
C VAL B 250 16.63 45.08 5.97
N CYS B 251 17.73 45.69 5.48
CA CYS B 251 18.71 46.27 6.39
C CYS B 251 18.32 47.69 6.83
N VAL B 252 18.01 48.56 5.87
CA VAL B 252 17.76 49.97 6.18
C VAL B 252 16.42 50.12 6.88
N ASP B 253 15.33 49.78 6.19
CA ASP B 253 13.99 49.98 6.72
C ASP B 253 13.58 48.93 7.74
N GLN B 254 14.38 47.88 7.92
CA GLN B 254 14.15 46.85 8.95
C GLN B 254 12.80 46.15 8.74
N GLN B 255 12.42 45.92 7.49
CA GLN B 255 11.12 45.36 7.17
C GLN B 255 11.15 43.84 7.17
N ARG B 256 10.02 43.25 7.53
CA ARG B 256 9.80 41.81 7.60
C ARG B 256 8.47 41.49 6.92
N PRO B 257 8.26 40.22 6.54
CA PRO B 257 6.97 39.85 5.94
C PRO B 257 5.81 40.08 6.91
N ASN B 258 4.69 40.54 6.37
CA ASN B 258 3.55 40.93 7.18
C ASN B 258 2.75 39.72 7.64
N ILE B 259 2.32 39.75 8.91
CA ILE B 259 1.58 38.67 9.53
C ILE B 259 0.10 39.04 9.51
N PRO B 260 -0.75 38.35 8.75
CA PRO B 260 -2.18 38.68 8.75
C PRO B 260 -2.79 38.48 10.13
N ASN B 261 -3.61 39.45 10.55
CA ASN B 261 -4.17 39.43 11.89
C ASN B 261 -5.11 38.25 12.12
N ARG B 262 -5.59 37.60 11.06
CA ARG B 262 -6.42 36.43 11.25
C ARG B 262 -5.65 35.24 11.81
N TRP B 263 -4.32 35.26 11.70
CA TRP B 263 -3.51 34.16 12.24
C TRP B 263 -3.63 34.07 13.75
N PHE B 264 -3.70 35.21 14.42
CA PHE B 264 -3.70 35.25 15.88
C PHE B 264 -5.04 34.83 16.48
N SER B 265 -5.99 34.37 15.67
CA SER B 265 -7.19 33.71 16.15
C SER B 265 -7.13 32.21 15.95
N ASP B 266 -6.04 31.69 15.40
CA ASP B 266 -5.80 30.26 15.28
C ASP B 266 -4.63 29.87 16.16
N PRO B 267 -4.78 28.85 17.00
CA PRO B 267 -3.68 28.53 17.94
C PRO B 267 -2.42 28.04 17.25
N THR B 268 -2.57 27.25 16.19
CA THR B 268 -1.40 26.79 15.45
C THR B 268 -0.66 27.95 14.80
N LEU B 269 -1.40 28.80 14.07
CA LEU B 269 -0.76 29.90 13.35
C LEU B 269 -0.16 30.93 14.29
N THR B 270 -0.77 31.12 15.47
CA THR B 270 -0.16 32.00 16.47
C THR B 270 1.21 31.51 16.89
N SER B 271 1.36 30.19 17.04
CA SER B 271 2.66 29.63 17.42
C SER B 271 3.64 29.71 16.26
N LEU B 272 3.18 29.46 15.03
CA LEU B 272 4.05 29.62 13.87
C LEU B 272 4.41 31.08 13.64
N ALA B 273 3.51 32.01 14.01
CA ALA B 273 3.81 33.43 13.89
C ALA B 273 4.96 33.81 14.82
N LYS B 274 4.89 33.40 16.09
CA LYS B 274 5.98 33.67 17.02
C LYS B 274 7.26 32.96 16.59
N LEU B 275 7.14 31.84 15.88
CA LEU B 275 8.31 31.15 15.37
C LEU B 275 8.98 31.95 14.26
N MET B 276 8.18 32.51 13.34
CA MET B 276 8.74 33.31 12.25
C MET B 276 9.55 34.48 12.79
N LYS B 277 9.00 35.20 13.78
CA LYS B 277 9.67 36.38 14.31
C LYS B 277 11.02 36.01 14.93
N GLU B 278 11.09 34.87 15.62
CA GLU B 278 12.34 34.45 16.23
C GLU B 278 13.37 33.95 15.23
N CYS B 279 12.97 33.75 13.97
CA CYS B 279 13.92 33.51 12.90
C CYS B 279 14.38 34.80 12.23
N TRP B 280 13.74 35.93 12.53
CA TRP B 280 13.89 37.15 11.76
C TRP B 280 14.54 38.29 12.52
N TYR B 281 15.17 38.02 13.66
CA TYR B 281 15.89 39.07 14.37
C TYR B 281 17.02 39.62 13.51
N GLN B 282 17.25 40.93 13.61
CA GLN B 282 18.38 41.53 12.92
C GLN B 282 19.71 41.05 13.52
N ASN B 283 19.75 40.87 14.83
CA ASN B 283 20.89 40.27 15.51
C ASN B 283 20.91 38.78 15.23
N PRO B 284 21.88 38.26 14.47
CA PRO B 284 21.84 36.83 14.12
C PRO B 284 21.95 35.91 15.32
N SER B 285 22.63 36.33 16.38
CA SER B 285 22.83 35.47 17.54
C SER B 285 21.53 35.22 18.31
N ALA B 286 20.51 36.04 18.11
CA ALA B 286 19.25 35.90 18.85
C ALA B 286 18.28 34.93 18.19
N ARG B 287 18.50 34.56 16.94
CA ARG B 287 17.60 33.65 16.26
C ARG B 287 17.64 32.26 16.87
N LEU B 288 16.60 31.47 16.58
CA LEU B 288 16.52 30.12 17.10
C LEU B 288 17.44 29.18 16.35
N THR B 289 17.71 28.03 16.96
CA THR B 289 18.43 26.96 16.29
C THR B 289 17.44 26.02 15.61
N ALA B 290 17.97 25.25 14.66
CA ALA B 290 17.13 24.26 13.97
C ALA B 290 16.52 23.27 14.95
N LEU B 291 17.28 22.91 15.99
CA LEU B 291 16.78 21.94 16.96
C LEU B 291 15.67 22.54 17.82
N ARG B 292 15.83 23.79 18.25
CA ARG B 292 14.78 24.45 19.03
C ARG B 292 13.51 24.64 18.21
N ILE B 293 13.66 24.89 16.91
CA ILE B 293 12.48 24.99 16.05
C ILE B 293 11.77 23.64 15.95
N LYS B 294 12.54 22.56 15.78
CA LYS B 294 11.93 21.24 15.68
C LYS B 294 11.21 20.86 16.96
N LYS B 295 11.80 21.16 18.12
CA LYS B 295 11.16 20.83 19.39
C LYS B 295 9.87 21.62 19.57
N THR B 296 9.89 22.92 19.25
CA THR B 296 8.69 23.74 19.37
C THR B 296 7.60 23.26 18.43
N LEU B 297 7.96 22.86 17.22
CA LEU B 297 6.98 22.32 16.29
C LEU B 297 6.44 20.99 16.77
N THR B 298 7.25 20.21 17.47
CA THR B 298 6.77 18.96 18.04
C THR B 298 5.77 19.22 19.15
N LYS B 299 5.97 20.29 19.93
CA LYS B 299 5.03 20.61 21.01
C LYS B 299 3.67 21.01 20.46
N ILE B 300 3.61 21.55 19.25
CA ILE B 300 2.33 21.89 18.64
C ILE B 300 1.66 20.65 18.07
N ASP B 301 2.41 19.85 17.32
CA ASP B 301 1.87 18.65 16.69
C ASP B 301 1.67 17.55 17.73
N GLN C 3 -1.93 -60.89 -6.24
CA GLN C 3 -3.09 -60.01 -6.38
C GLN C 3 -2.64 -58.57 -6.63
N ARG C 4 -1.73 -58.39 -7.58
CA ARG C 4 -1.22 -57.06 -7.91
C ARG C 4 -0.65 -57.08 -9.32
N THR C 5 -1.06 -56.11 -10.14
CA THR C 5 -0.48 -55.96 -11.47
C THR C 5 0.97 -55.46 -11.35
N VAL C 6 1.69 -55.54 -12.47
CA VAL C 6 3.10 -55.20 -12.49
C VAL C 6 3.43 -54.01 -13.37
N ALA C 7 2.57 -53.68 -14.35
CA ALA C 7 2.81 -52.59 -15.31
C ALA C 7 4.09 -52.77 -16.10
N ARG C 8 4.56 -54.01 -16.24
CA ARG C 8 5.69 -54.30 -17.11
C ARG C 8 5.31 -54.35 -18.58
N ASP C 9 4.04 -54.15 -18.90
CA ASP C 9 3.56 -54.24 -20.28
C ASP C 9 3.72 -52.93 -21.06
N ILE C 10 4.12 -51.84 -20.40
CA ILE C 10 4.48 -50.63 -21.13
C ILE C 10 5.72 -50.89 -21.95
N THR C 11 5.69 -50.49 -23.22
CA THR C 11 6.78 -50.74 -24.15
C THR C 11 7.67 -49.50 -24.22
N LEU C 12 8.89 -49.61 -23.71
CA LEU C 12 9.83 -48.49 -23.66
C LEU C 12 10.41 -48.28 -25.06
N LEU C 13 9.93 -47.23 -25.74
CA LEU C 13 10.31 -47.01 -27.13
C LEU C 13 11.65 -46.29 -27.25
N GLU C 14 11.77 -45.12 -26.61
CA GLU C 14 13.00 -44.35 -26.69
C GLU C 14 13.23 -43.60 -25.38
N CYS C 15 14.51 -43.47 -25.03
CA CYS C 15 14.90 -42.74 -23.82
C CYS C 15 14.99 -41.25 -24.15
N VAL C 16 14.19 -40.45 -23.47
CA VAL C 16 14.08 -39.02 -23.77
C VAL C 16 14.85 -38.16 -22.78
N GLY C 17 15.58 -38.78 -21.85
CA GLY C 17 16.37 -38.03 -20.88
C GLY C 17 17.12 -38.91 -19.92
N LYS C 18 18.34 -38.52 -19.57
CA LYS C 18 19.15 -39.30 -18.65
C LYS C 18 20.06 -38.37 -17.86
N GLY C 19 20.29 -38.73 -16.59
CA GLY C 19 21.16 -37.92 -15.75
C GLY C 19 21.22 -38.46 -14.34
N ARG C 20 21.51 -37.56 -13.39
CA ARG C 20 21.63 -37.98 -12.00
C ARG C 20 20.29 -38.46 -11.44
N TYR C 21 19.18 -37.89 -11.91
CA TYR C 21 17.87 -38.33 -11.45
C TYR C 21 17.62 -39.79 -11.81
N GLY C 22 18.06 -40.20 -12.98
CA GLY C 22 17.81 -41.54 -13.49
C GLY C 22 17.69 -41.50 -15.00
N GLU C 23 16.57 -41.99 -15.53
CA GLU C 23 16.29 -41.82 -16.95
C GLU C 23 14.78 -41.79 -17.16
N VAL C 24 14.37 -41.11 -18.22
CA VAL C 24 12.96 -40.99 -18.60
C VAL C 24 12.78 -41.57 -19.99
N TRP C 25 11.71 -42.34 -20.17
CA TRP C 25 11.47 -43.06 -21.41
C TRP C 25 10.09 -42.72 -21.96
N ARG C 26 10.02 -42.55 -23.28
CA ARG C 26 8.74 -42.56 -23.97
C ARG C 26 8.28 -44.00 -24.15
N GLY C 27 6.99 -44.24 -23.93
CA GLY C 27 6.49 -45.60 -23.96
C GLY C 27 5.06 -45.66 -24.46
N SER C 28 4.62 -46.89 -24.72
CA SER C 28 3.27 -47.17 -25.18
C SER C 28 2.53 -47.99 -24.12
N TRP C 29 1.36 -47.51 -23.72
CA TRP C 29 0.48 -48.25 -22.82
C TRP C 29 -0.94 -48.10 -23.33
N GLN C 30 -1.50 -49.19 -23.85
CA GLN C 30 -2.87 -49.22 -24.37
C GLN C 30 -3.07 -48.17 -25.46
N GLY C 31 -2.11 -48.10 -26.38
CA GLY C 31 -2.18 -47.23 -27.53
C GLY C 31 -1.66 -45.82 -27.33
N GLU C 32 -1.77 -45.28 -26.11
CA GLU C 32 -1.39 -43.90 -25.84
C GLU C 32 0.08 -43.81 -25.45
N ASN C 33 0.70 -42.69 -25.80
CA ASN C 33 2.05 -42.42 -25.35
C ASN C 33 2.05 -42.04 -23.88
N VAL C 34 3.08 -42.51 -23.16
CA VAL C 34 3.29 -42.17 -21.76
C VAL C 34 4.77 -41.89 -21.54
N ALA C 35 5.05 -41.08 -20.53
CA ALA C 35 6.42 -40.89 -20.05
C ALA C 35 6.64 -41.76 -18.82
N VAL C 36 7.79 -42.42 -18.77
CA VAL C 36 8.14 -43.34 -17.69
C VAL C 36 9.46 -42.89 -17.11
N LYS C 37 9.43 -42.34 -15.90
CA LYS C 37 10.64 -42.00 -15.17
C LYS C 37 11.08 -43.20 -14.34
N ILE C 38 12.33 -43.60 -14.52
CA ILE C 38 12.92 -44.72 -13.78
C ILE C 38 13.94 -44.13 -12.82
N PHE C 39 13.60 -44.13 -11.54
CA PHE C 39 14.48 -43.53 -10.53
C PHE C 39 15.65 -44.43 -10.22
N SER C 40 16.80 -43.82 -9.96
CA SER C 40 17.91 -44.54 -9.37
C SER C 40 17.60 -44.86 -7.92
N SER C 41 18.12 -46.00 -7.44
CA SER C 41 17.85 -46.41 -6.07
C SER C 41 18.34 -45.37 -5.07
N ARG C 42 19.34 -44.58 -5.45
CA ARG C 42 19.79 -43.48 -4.60
C ARG C 42 18.71 -42.43 -4.40
N ASP C 43 17.69 -42.41 -5.26
CA ASP C 43 16.65 -41.38 -5.23
C ASP C 43 15.30 -41.96 -4.83
N GLU C 44 15.30 -42.96 -3.94
CA GLU C 44 14.06 -43.65 -3.59
C GLU C 44 13.12 -42.72 -2.82
N LYS C 45 13.67 -41.83 -2.00
CA LYS C 45 12.81 -40.97 -1.18
C LYS C 45 12.02 -39.99 -2.05
N SER C 46 12.59 -39.52 -3.16
CA SER C 46 11.86 -38.63 -4.05
C SER C 46 10.75 -39.37 -4.78
N TRP C 47 11.02 -40.60 -5.22
CA TRP C 47 9.98 -41.38 -5.88
C TRP C 47 8.74 -41.53 -5.00
N PHE C 48 8.95 -41.77 -3.70
CA PHE C 48 7.80 -41.96 -2.82
C PHE C 48 7.11 -40.64 -2.50
N ARG C 49 7.88 -39.58 -2.27
CA ARG C 49 7.28 -38.28 -2.02
C ARG C 49 6.41 -37.87 -3.20
N GLU C 50 6.95 -37.98 -4.41
CA GLU C 50 6.17 -37.63 -5.61
C GLU C 50 4.98 -38.56 -5.78
N THR C 51 5.18 -39.87 -5.56
CA THR C 51 4.07 -40.81 -5.61
C THR C 51 2.99 -40.44 -4.61
N GLU C 52 3.39 -40.26 -3.34
CA GLU C 52 2.44 -39.99 -2.26
C GLU C 52 1.62 -38.73 -2.50
N LEU C 53 2.20 -37.72 -3.14
CA LEU C 53 1.43 -36.53 -3.49
C LEU C 53 0.38 -36.85 -4.55
N TYR C 54 0.80 -37.49 -5.65
CA TYR C 54 -0.17 -37.94 -6.64
C TYR C 54 -1.11 -38.99 -6.08
N ASN C 55 -0.67 -39.76 -5.08
CA ASN C 55 -1.41 -40.91 -4.58
C ASN C 55 -2.46 -40.51 -3.55
N THR C 56 -2.12 -39.63 -2.62
CA THR C 56 -2.98 -39.31 -1.49
C THR C 56 -3.60 -37.92 -1.58
N VAL C 57 -2.83 -36.92 -2.01
CA VAL C 57 -3.38 -35.58 -2.19
C VAL C 57 -4.26 -35.50 -3.42
N MET C 58 -4.16 -36.48 -4.33
CA MET C 58 -4.90 -36.47 -5.61
C MET C 58 -4.61 -35.19 -6.38
N LEU C 59 -3.35 -34.77 -6.37
CA LEU C 59 -2.95 -33.55 -7.05
C LEU C 59 -3.25 -33.64 -8.55
N ARG C 60 -4.01 -32.68 -9.05
CA ARG C 60 -4.49 -32.71 -10.43
C ARG C 60 -4.75 -31.28 -10.90
N HIS C 61 -4.06 -30.89 -11.98
CA HIS C 61 -4.17 -29.53 -12.49
C HIS C 61 -3.66 -29.52 -13.92
N GLU C 62 -4.20 -28.61 -14.73
CA GLU C 62 -3.79 -28.51 -16.12
C GLU C 62 -2.33 -28.07 -16.25
N ASN C 63 -1.81 -27.35 -15.26
CA ASN C 63 -0.44 -26.88 -15.27
C ASN C 63 0.46 -27.70 -14.35
N ILE C 64 0.05 -28.92 -14.03
CA ILE C 64 0.86 -29.86 -13.24
C ILE C 64 0.90 -31.18 -13.99
N LEU C 65 2.09 -31.76 -14.12
CA LEU C 65 2.27 -33.02 -14.83
C LEU C 65 1.27 -34.06 -14.35
N GLY C 66 0.54 -34.64 -15.30
CA GLY C 66 -0.56 -35.53 -14.97
C GLY C 66 -0.07 -36.90 -14.55
N PHE C 67 -0.54 -37.35 -13.38
CA PHE C 67 -0.16 -38.66 -12.88
C PHE C 67 -1.00 -39.76 -13.52
N ILE C 68 -0.34 -40.84 -13.91
CA ILE C 68 -1.01 -42.04 -14.39
C ILE C 68 -0.88 -43.18 -13.41
N ALA C 69 0.35 -43.58 -13.09
CA ALA C 69 0.56 -44.76 -12.26
C ALA C 69 1.94 -44.69 -11.62
N SER C 70 2.14 -45.57 -10.64
CA SER C 70 3.43 -45.71 -9.96
C SER C 70 3.59 -47.16 -9.55
N ASP C 71 4.83 -47.63 -9.55
CA ASP C 71 5.13 -49.03 -9.23
C ASP C 71 6.47 -49.14 -8.55
N MET C 72 6.54 -50.01 -7.54
CA MET C 72 7.80 -50.43 -6.95
C MET C 72 7.83 -51.96 -6.92
N THR C 73 8.93 -52.55 -7.36
CA THR C 73 9.21 -53.96 -7.15
C THR C 73 10.58 -54.04 -6.51
N SER C 74 10.66 -54.66 -5.35
CA SER C 74 11.89 -54.71 -4.56
C SER C 74 12.16 -56.13 -4.09
N ARG C 75 13.38 -56.59 -4.33
CA ARG C 75 13.87 -57.84 -3.78
C ARG C 75 15.23 -57.56 -3.15
N HIS C 76 15.84 -58.59 -2.55
CA HIS C 76 17.21 -58.45 -2.09
C HIS C 76 18.15 -58.16 -3.25
N SER C 77 17.84 -58.66 -4.45
CA SER C 77 18.71 -58.48 -5.61
C SER C 77 18.78 -57.01 -6.01
N SER C 78 17.64 -56.39 -6.26
CA SER C 78 17.62 -55.00 -6.73
C SER C 78 16.25 -54.40 -6.48
N THR C 79 16.09 -53.16 -6.94
CA THR C 79 14.86 -52.39 -6.78
C THR C 79 14.68 -51.53 -8.03
N GLN C 80 13.47 -51.57 -8.61
CA GLN C 80 13.12 -50.70 -9.71
C GLN C 80 11.96 -49.80 -9.30
N LEU C 81 12.07 -48.52 -9.66
CA LEU C 81 11.10 -47.51 -9.23
C LEU C 81 10.60 -46.77 -10.46
N TRP C 82 9.33 -46.97 -10.79
CA TRP C 82 8.73 -46.41 -11.99
C TRP C 82 7.66 -45.38 -11.62
N LEU C 83 7.68 -44.24 -12.31
CA LEU C 83 6.62 -43.25 -12.24
C LEU C 83 6.08 -43.04 -13.65
N ILE C 84 4.77 -43.14 -13.82
CA ILE C 84 4.13 -43.03 -15.12
C ILE C 84 3.27 -41.78 -15.13
N THR C 85 3.60 -40.84 -16.01
CA THR C 85 2.85 -39.62 -16.21
C THR C 85 2.43 -39.52 -17.67
N HIS C 86 1.63 -38.50 -17.97
CA HIS C 86 1.32 -38.18 -19.36
C HIS C 86 2.59 -37.79 -20.09
N TYR C 87 2.58 -37.96 -21.41
CA TYR C 87 3.74 -37.66 -22.23
C TYR C 87 3.60 -36.28 -22.85
N HIS C 88 4.73 -35.59 -22.99
CA HIS C 88 4.75 -34.23 -23.54
C HIS C 88 5.85 -34.15 -24.59
N GLU C 89 5.45 -34.23 -25.86
CA GLU C 89 6.37 -34.33 -26.98
C GLU C 89 7.34 -33.15 -27.02
N MET C 90 6.91 -31.97 -26.56
CA MET C 90 7.72 -30.77 -26.71
C MET C 90 8.91 -30.74 -25.76
N GLY C 91 8.90 -31.56 -24.71
CA GLY C 91 10.04 -31.64 -23.82
C GLY C 91 10.02 -30.58 -22.74
N SER C 92 11.18 -30.40 -22.10
CA SER C 92 11.31 -29.43 -21.03
C SER C 92 11.45 -28.03 -21.58
N LEU C 93 10.96 -27.05 -20.81
CA LEU C 93 11.09 -25.64 -21.21
C LEU C 93 12.54 -25.26 -21.43
N TYR C 94 13.48 -25.92 -20.73
CA TYR C 94 14.89 -25.63 -20.92
C TYR C 94 15.34 -26.01 -22.33
N ASP C 95 14.97 -27.21 -22.79
CA ASP C 95 15.28 -27.60 -24.16
C ASP C 95 14.54 -26.70 -25.15
N TYR C 96 13.26 -26.46 -24.89
CA TYR C 96 12.42 -25.71 -25.83
C TYR C 96 12.98 -24.33 -26.12
N LEU C 97 13.48 -23.64 -25.08
CA LEU C 97 14.00 -22.29 -25.25
C LEU C 97 15.35 -22.25 -25.96
N GLN C 98 16.00 -23.39 -26.15
CA GLN C 98 17.28 -23.39 -26.86
C GLN C 98 17.10 -22.99 -28.31
N LEU C 99 16.07 -23.52 -28.97
CA LEU C 99 15.87 -23.30 -30.40
C LEU C 99 14.77 -22.30 -30.71
N THR C 100 13.78 -22.16 -29.84
CA THR C 100 12.60 -21.34 -30.12
C THR C 100 12.74 -19.95 -29.52
N THR C 101 12.31 -18.94 -30.28
CA THR C 101 12.05 -17.62 -29.74
C THR C 101 10.55 -17.43 -29.57
N LEU C 102 10.17 -16.42 -28.79
CA LEU C 102 8.78 -16.22 -28.42
C LEU C 102 8.34 -14.81 -28.78
N ASP C 103 7.03 -14.61 -28.81
CA ASP C 103 6.43 -13.30 -28.97
C ASP C 103 5.63 -12.96 -27.71
N THR C 104 4.89 -11.85 -27.77
CA THR C 104 4.11 -11.42 -26.62
C THR C 104 3.13 -12.50 -26.17
N VAL C 105 2.47 -13.16 -27.13
CA VAL C 105 1.40 -14.10 -26.79
C VAL C 105 1.97 -15.39 -26.21
N SER C 106 2.99 -15.95 -26.87
CA SER C 106 3.54 -17.23 -26.44
C SER C 106 4.29 -17.11 -25.13
N CYS C 107 5.04 -16.02 -24.95
CA CYS C 107 5.81 -15.85 -23.71
C CYS C 107 4.89 -15.72 -22.49
N LEU C 108 3.85 -14.91 -22.62
CA LEU C 108 2.90 -14.75 -21.51
C LEU C 108 2.16 -16.06 -21.24
N ARG C 109 1.86 -16.82 -22.30
CA ARG C 109 1.21 -18.11 -22.12
C ARG C 109 2.08 -19.07 -21.34
N ILE C 110 3.40 -19.02 -21.56
CA ILE C 110 4.32 -19.87 -20.83
C ILE C 110 4.38 -19.45 -19.36
N VAL C 111 4.67 -18.18 -19.09
CA VAL C 111 4.92 -17.73 -17.73
C VAL C 111 3.63 -17.71 -16.91
N LEU C 112 2.47 -17.45 -17.54
CA LEU C 112 1.23 -17.46 -16.79
C LEU C 112 0.82 -18.87 -16.41
N SER C 113 1.12 -19.86 -17.25
CA SER C 113 0.78 -21.23 -16.92
C SER C 113 1.63 -21.75 -15.76
N ILE C 114 2.91 -21.37 -15.72
CA ILE C 114 3.75 -21.73 -14.58
C ILE C 114 3.19 -21.14 -13.30
N ALA C 115 2.89 -19.84 -13.32
CA ALA C 115 2.35 -19.17 -12.13
C ALA C 115 1.01 -19.78 -11.73
N SER C 116 0.16 -20.11 -12.71
CA SER C 116 -1.12 -20.74 -12.40
C SER C 116 -0.93 -22.07 -11.67
N GLY C 117 0.02 -22.88 -12.13
CA GLY C 117 0.29 -24.13 -11.45
C GLY C 117 1.01 -23.94 -10.13
N LEU C 118 1.95 -23.00 -10.08
CA LEU C 118 2.64 -22.71 -8.83
C LEU C 118 1.67 -22.17 -7.78
N ALA C 119 0.73 -21.33 -8.21
CA ALA C 119 -0.30 -20.86 -7.28
C ALA C 119 -1.15 -22.02 -6.79
N HIS C 120 -1.56 -22.92 -7.69
CA HIS C 120 -2.37 -24.06 -7.29
C HIS C 120 -1.64 -24.92 -6.27
N LEU C 121 -0.34 -25.12 -6.45
CA LEU C 121 0.44 -25.86 -5.45
C LEU C 121 0.41 -25.17 -4.10
N HIS C 122 0.69 -23.86 -4.08
CA HIS C 122 0.92 -23.15 -2.82
C HIS C 122 -0.36 -23.03 -1.98
N ILE C 123 -1.52 -22.94 -2.63
CA ILE C 123 -2.74 -22.62 -1.90
C ILE C 123 -3.28 -23.88 -1.23
N GLU C 124 -3.68 -23.75 0.03
CA GLU C 124 -4.37 -24.84 0.71
C GLU C 124 -5.85 -24.80 0.35
N ILE C 125 -6.41 -25.98 0.09
CA ILE C 125 -7.81 -26.13 -0.26
C ILE C 125 -8.48 -26.97 0.83
N PHE C 126 -9.58 -26.44 1.38
CA PHE C 126 -10.26 -27.07 2.49
C PHE C 126 -11.40 -27.95 1.99
N GLY C 127 -11.90 -28.78 2.90
CA GLY C 127 -12.90 -29.79 2.57
C GLY C 127 -12.28 -31.18 2.46
N THR C 128 -13.17 -32.18 2.46
CA THR C 128 -12.71 -33.56 2.34
C THR C 128 -12.07 -33.85 0.99
N GLN C 129 -12.41 -33.08 -0.05
CA GLN C 129 -11.79 -33.21 -1.36
C GLN C 129 -10.71 -32.15 -1.60
N GLY C 130 -10.23 -31.51 -0.55
CA GLY C 130 -9.25 -30.45 -0.67
C GLY C 130 -7.84 -30.99 -0.78
N LYS C 131 -6.88 -30.15 -0.40
CA LYS C 131 -5.47 -30.50 -0.48
C LYS C 131 -4.69 -29.56 0.43
N PRO C 132 -3.55 -30.00 0.95
CA PRO C 132 -2.71 -29.10 1.75
C PRO C 132 -1.96 -28.12 0.87
N ALA C 133 -1.41 -27.09 1.52
CA ALA C 133 -0.51 -26.17 0.83
C ALA C 133 0.80 -26.88 0.53
N ILE C 134 1.32 -26.67 -0.67
CA ILE C 134 2.51 -27.39 -1.15
C ILE C 134 3.52 -26.40 -1.67
N ALA C 135 4.79 -26.61 -1.30
CA ALA C 135 5.91 -25.87 -1.87
C ALA C 135 6.78 -26.83 -2.67
N HIS C 136 7.27 -26.37 -3.81
CA HIS C 136 7.93 -27.25 -4.77
C HIS C 136 9.36 -27.58 -4.35
N ARG C 137 10.20 -26.57 -4.20
CA ARG C 137 11.60 -26.62 -3.72
C ARG C 137 12.59 -27.06 -4.79
N ASP C 138 12.19 -27.23 -6.05
CA ASP C 138 13.15 -27.53 -7.12
C ASP C 138 12.63 -26.97 -8.45
N LEU C 139 12.03 -25.79 -8.41
CA LEU C 139 11.42 -25.20 -9.58
C LEU C 139 12.50 -24.59 -10.48
N LYS C 140 12.54 -25.02 -11.73
CA LYS C 140 13.49 -24.48 -12.71
C LYS C 140 13.00 -24.87 -14.10
N SER C 141 13.72 -24.36 -15.12
CA SER C 141 13.28 -24.56 -16.50
C SER C 141 13.38 -26.02 -16.94
N LYS C 142 14.30 -26.78 -16.34
CA LYS C 142 14.41 -28.20 -16.69
C LYS C 142 13.31 -29.05 -16.08
N ASN C 143 12.62 -28.55 -15.06
CA ASN C 143 11.53 -29.27 -14.41
C ASN C 143 10.16 -28.76 -14.83
N ILE C 144 10.08 -28.06 -15.95
CA ILE C 144 8.82 -27.57 -16.50
C ILE C 144 8.71 -28.08 -17.94
N LEU C 145 7.57 -28.66 -18.28
CA LEU C 145 7.35 -29.25 -19.59
C LEU C 145 6.42 -28.39 -20.42
N VAL C 146 6.69 -28.31 -21.72
CA VAL C 146 5.92 -27.50 -22.66
C VAL C 146 4.86 -28.39 -23.31
N LYS C 147 3.66 -27.83 -23.48
CA LYS C 147 2.56 -28.54 -24.14
C LYS C 147 2.42 -28.07 -25.59
N LYS C 148 1.51 -28.70 -26.31
CA LYS C 148 1.27 -28.32 -27.70
C LYS C 148 0.51 -27.01 -27.80
N ASN C 149 -0.42 -26.76 -26.88
CA ASN C 149 -1.22 -25.55 -26.90
C ASN C 149 -0.46 -24.32 -26.41
N GLY C 150 0.84 -24.45 -26.15
CA GLY C 150 1.66 -23.33 -25.72
C GLY C 150 1.76 -23.16 -24.23
N GLN C 151 0.94 -23.86 -23.44
CA GLN C 151 1.02 -23.77 -22.00
C GLN C 151 2.09 -24.71 -21.46
N CYS C 152 2.28 -24.68 -20.14
CA CYS C 152 3.31 -25.47 -19.48
C CYS C 152 2.73 -26.20 -18.28
N CYS C 153 3.48 -27.18 -17.79
CA CYS C 153 3.14 -27.91 -16.58
C CYS C 153 4.41 -28.16 -15.77
N ILE C 154 4.27 -28.07 -14.45
CA ILE C 154 5.37 -28.28 -13.51
C ILE C 154 5.45 -29.76 -13.18
N ALA C 155 6.67 -30.30 -13.09
CA ALA C 155 6.89 -31.73 -13.20
C ALA C 155 7.35 -32.40 -11.90
N ASP C 156 8.49 -31.98 -11.35
CA ASP C 156 9.23 -32.77 -10.36
C ASP C 156 8.85 -32.34 -8.94
N LEU C 157 8.02 -33.15 -8.28
CA LEU C 157 7.56 -32.85 -6.92
C LEU C 157 8.31 -33.64 -5.85
N GLY C 158 9.51 -34.15 -6.17
CA GLY C 158 10.19 -35.05 -5.25
C GLY C 158 10.56 -34.41 -3.93
N LEU C 159 10.87 -33.11 -3.94
CA LEU C 159 11.35 -32.41 -2.75
C LEU C 159 10.26 -31.57 -2.09
N ALA C 160 8.99 -31.88 -2.33
CA ALA C 160 7.91 -31.01 -1.87
C ALA C 160 7.72 -31.12 -0.36
N VAL C 161 7.23 -30.04 0.23
CA VAL C 161 6.83 -30.00 1.63
C VAL C 161 5.39 -29.52 1.70
N MET C 162 4.66 -29.98 2.72
CA MET C 162 3.23 -29.72 2.85
C MET C 162 2.93 -29.08 4.19
N HIS C 163 1.75 -28.44 4.25
CA HIS C 163 1.28 -27.77 5.46
C HIS C 163 -0.22 -27.61 5.35
N SER C 164 -0.97 -27.97 6.40
CA SER C 164 -2.41 -28.14 6.28
C SER C 164 -3.19 -27.44 7.39
N GLN C 165 -2.69 -26.31 7.88
CA GLN C 165 -3.39 -25.45 8.84
C GLN C 165 -3.88 -26.19 10.09
N SER C 166 -3.47 -27.45 10.25
CA SER C 166 -3.35 -28.03 11.57
C SER C 166 -1.97 -27.73 12.16
N THR C 167 -1.35 -26.66 11.68
CA THR C 167 0.05 -26.26 11.89
C THR C 167 1.00 -27.45 11.96
N ASN C 168 0.69 -28.51 11.21
CA ASN C 168 1.61 -29.64 11.01
C ASN C 168 2.18 -29.52 9.60
N GLN C 169 3.51 -29.56 9.49
CA GLN C 169 4.17 -29.49 8.20
C GLN C 169 4.97 -30.77 7.95
N LEU C 170 4.93 -31.26 6.71
CA LEU C 170 5.53 -32.52 6.32
C LEU C 170 6.76 -32.23 5.46
N ASP C 171 7.91 -32.73 5.89
CA ASP C 171 9.17 -32.38 5.25
C ASP C 171 9.94 -33.62 4.78
N ASN C 174 13.22 -35.92 5.56
CA ASN C 174 13.55 -37.22 5.00
C ASN C 174 14.55 -37.14 3.86
N ASN C 175 14.14 -36.48 2.78
CA ASN C 175 14.86 -36.57 1.52
C ASN C 175 16.27 -35.98 1.65
N PRO C 176 17.31 -36.70 1.22
CA PRO C 176 18.68 -36.18 1.34
C PRO C 176 19.01 -35.11 0.31
N ARG C 177 18.53 -35.28 -0.92
CA ARG C 177 18.85 -34.34 -1.99
C ARG C 177 18.21 -32.98 -1.72
N VAL C 178 18.85 -31.94 -2.24
CA VAL C 178 18.35 -30.58 -2.14
C VAL C 178 18.32 -30.00 -3.55
N GLY C 179 17.75 -28.79 -3.67
CA GLY C 179 17.53 -28.17 -4.97
C GLY C 179 18.78 -27.92 -5.78
N THR C 180 18.60 -27.41 -7.00
CA THR C 180 19.73 -27.05 -7.84
C THR C 180 20.39 -25.80 -7.31
N LYS C 181 21.73 -25.82 -7.22
CA LYS C 181 22.45 -24.73 -6.58
C LYS C 181 22.38 -23.42 -7.35
N ARG C 182 22.14 -23.48 -8.67
CA ARG C 182 22.00 -22.26 -9.45
C ARG C 182 20.71 -21.51 -9.12
N TYR C 183 19.70 -22.20 -8.60
CA TYR C 183 18.40 -21.60 -8.33
C TYR C 183 18.15 -21.39 -6.84
N MET C 184 19.14 -21.63 -5.99
CA MET C 184 18.94 -21.48 -4.55
C MET C 184 18.80 -20.01 -4.17
N ALA C 185 17.85 -19.74 -3.27
CA ALA C 185 17.57 -18.39 -2.83
C ALA C 185 18.67 -17.89 -1.88
N PRO C 186 18.76 -16.57 -1.67
CA PRO C 186 19.77 -16.05 -0.73
C PRO C 186 19.66 -16.66 0.66
N GLU C 187 18.44 -16.76 1.20
CA GLU C 187 18.29 -17.32 2.55
C GLU C 187 18.68 -18.79 2.60
N VAL C 188 18.71 -19.47 1.46
CA VAL C 188 19.21 -20.85 1.44
C VAL C 188 20.73 -20.87 1.30
N LEU C 189 21.30 -19.87 0.63
CA LEU C 189 22.74 -19.83 0.43
C LEU C 189 23.48 -19.45 1.71
N ASP C 190 22.99 -18.46 2.44
CA ASP C 190 23.62 -18.06 3.70
C ASP C 190 22.97 -18.73 4.91
N GLU C 191 22.10 -19.71 4.70
CA GLU C 191 21.58 -20.59 5.75
C GLU C 191 20.82 -19.85 6.84
N THR C 192 20.29 -18.67 6.55
CA THR C 192 19.43 -17.94 7.48
C THR C 192 17.96 -18.31 7.33
N ILE C 193 17.66 -19.35 6.56
CA ILE C 193 16.28 -19.68 6.24
C ILE C 193 15.60 -20.32 7.45
N GLN C 194 14.39 -19.87 7.74
CA GLN C 194 13.60 -20.44 8.83
C GLN C 194 13.06 -21.81 8.42
N VAL C 195 13.83 -22.87 8.70
CA VAL C 195 13.54 -24.20 8.15
C VAL C 195 12.27 -24.81 8.71
N ASP C 196 11.77 -24.32 9.84
CA ASP C 196 10.55 -24.85 10.43
C ASP C 196 9.33 -24.01 10.05
N CYS C 197 9.49 -23.06 9.13
CA CYS C 197 8.43 -22.14 8.74
C CYS C 197 8.02 -22.45 7.30
N PHE C 198 6.74 -22.80 7.10
CA PHE C 198 6.30 -23.22 5.78
C PHE C 198 6.37 -22.08 4.77
N ASP C 199 6.00 -20.86 5.18
CA ASP C 199 6.05 -19.73 4.26
C ASP C 199 7.45 -19.49 3.73
N SER C 200 8.48 -19.95 4.45
CA SER C 200 9.85 -19.82 3.95
C SER C 200 10.07 -20.65 2.68
N TYR C 201 9.31 -21.74 2.51
CA TYR C 201 9.51 -22.60 1.36
C TYR C 201 8.78 -22.06 0.13
N LYS C 202 7.57 -21.52 0.31
CA LYS C 202 6.91 -20.84 -0.79
C LYS C 202 7.77 -19.70 -1.33
N ARG C 203 8.43 -18.97 -0.44
CA ARG C 203 9.23 -17.83 -0.87
C ARG C 203 10.48 -18.27 -1.62
N VAL C 204 10.97 -19.49 -1.36
CA VAL C 204 12.08 -20.01 -2.14
C VAL C 204 11.61 -20.43 -3.54
N ASP C 205 10.38 -20.94 -3.65
CA ASP C 205 9.80 -21.17 -4.97
C ASP C 205 9.74 -19.88 -5.77
N ILE C 206 9.29 -18.79 -5.13
CA ILE C 206 9.13 -17.52 -5.82
C ILE C 206 10.47 -16.99 -6.33
N TRP C 207 11.55 -17.22 -5.56
CA TRP C 207 12.88 -16.87 -6.05
C TRP C 207 13.20 -17.63 -7.33
N ALA C 208 12.93 -18.93 -7.34
CA ALA C 208 13.19 -19.75 -8.52
C ALA C 208 12.31 -19.32 -9.69
N PHE C 209 11.06 -18.97 -9.41
CA PHE C 209 10.14 -18.57 -10.46
C PHE C 209 10.62 -17.33 -11.19
N GLY C 210 11.21 -16.38 -10.45
CA GLY C 210 11.70 -15.17 -11.08
C GLY C 210 12.90 -15.40 -11.97
N LEU C 211 13.78 -16.34 -11.59
CA LEU C 211 14.88 -16.70 -12.46
C LEU C 211 14.38 -17.34 -13.75
N VAL C 212 13.34 -18.19 -13.64
CA VAL C 212 12.73 -18.77 -14.83
C VAL C 212 12.07 -17.69 -15.68
N LEU C 213 11.37 -16.76 -15.04
CA LEU C 213 10.83 -15.60 -15.72
C LEU C 213 11.88 -14.89 -16.55
N TRP C 214 13.11 -14.83 -16.02
CA TRP C 214 14.23 -14.21 -16.72
C TRP C 214 14.71 -15.06 -17.89
N GLU C 215 14.76 -16.38 -17.73
CA GLU C 215 15.14 -17.25 -18.83
C GLU C 215 14.17 -17.12 -20.01
N VAL C 216 12.88 -17.02 -19.71
CA VAL C 216 11.86 -16.99 -20.75
C VAL C 216 11.81 -15.63 -21.44
N ALA C 217 11.83 -14.55 -20.65
CA ALA C 217 11.69 -13.22 -21.23
C ALA C 217 12.84 -12.85 -22.15
N ARG C 218 14.04 -13.37 -21.86
CA ARG C 218 15.17 -13.16 -22.77
C ARG C 218 14.88 -13.70 -24.16
N ARG C 219 14.11 -14.78 -24.24
CA ARG C 219 13.83 -15.46 -25.50
C ARG C 219 12.61 -14.89 -26.22
N MET C 220 11.99 -13.85 -25.67
CA MET C 220 10.90 -13.17 -26.36
C MET C 220 11.47 -12.06 -27.25
N VAL C 221 10.92 -11.94 -28.45
CA VAL C 221 11.36 -10.94 -29.42
C VAL C 221 10.58 -9.66 -29.22
N SER C 222 11.28 -8.53 -29.23
CA SER C 222 10.64 -7.22 -29.20
C SER C 222 11.48 -6.28 -30.05
N ASN C 223 10.81 -5.55 -30.95
CA ASN C 223 11.48 -4.65 -31.89
C ASN C 223 12.57 -5.38 -32.67
N GLY C 224 12.28 -6.63 -33.05
CA GLY C 224 13.22 -7.43 -33.81
C GLY C 224 14.52 -7.74 -33.07
N ILE C 225 14.48 -7.83 -31.75
CA ILE C 225 15.65 -8.14 -30.93
C ILE C 225 15.30 -9.27 -29.99
N VAL C 226 16.29 -10.12 -29.73
CA VAL C 226 16.13 -11.23 -28.79
C VAL C 226 17.52 -11.73 -28.40
N GLU C 227 17.67 -12.14 -27.15
CA GLU C 227 18.92 -12.69 -26.67
C GLU C 227 18.91 -14.21 -26.81
N ASP C 228 20.12 -14.79 -26.87
CA ASP C 228 20.25 -16.23 -26.82
C ASP C 228 19.90 -16.75 -25.44
N TYR C 229 19.57 -18.03 -25.36
CA TYR C 229 19.32 -18.61 -24.05
C TYR C 229 20.60 -18.66 -23.24
N LYS C 230 20.48 -18.29 -21.97
CA LYS C 230 21.55 -18.40 -21.00
C LYS C 230 20.92 -18.80 -19.67
N PRO C 231 21.53 -19.70 -18.92
CA PRO C 231 21.03 -20.03 -17.59
C PRO C 231 21.20 -18.85 -16.66
N PRO C 232 20.47 -18.82 -15.54
CA PRO C 232 20.65 -17.72 -14.58
C PRO C 232 22.09 -17.66 -14.09
N PHE C 233 22.60 -16.42 -13.96
CA PHE C 233 23.96 -16.17 -13.51
C PHE C 233 25.01 -16.83 -14.41
N TYR C 234 24.71 -16.90 -15.71
CA TYR C 234 25.63 -17.52 -16.65
C TYR C 234 26.98 -16.81 -16.71
N ASP C 235 27.03 -15.54 -16.34
CA ASP C 235 28.21 -14.72 -16.52
C ASP C 235 29.01 -14.49 -15.23
N VAL C 236 28.63 -15.13 -14.13
CA VAL C 236 29.28 -14.86 -12.85
C VAL C 236 29.67 -16.15 -12.14
N VAL C 237 29.15 -17.29 -12.60
CA VAL C 237 29.53 -18.58 -12.03
C VAL C 237 29.82 -19.57 -13.15
N PRO C 238 30.74 -20.50 -12.96
CA PRO C 238 30.99 -21.53 -13.96
C PRO C 238 29.90 -22.61 -13.94
N ASN C 239 29.96 -23.49 -14.93
CA ASN C 239 29.03 -24.61 -14.99
C ASN C 239 29.27 -25.56 -13.83
N ASP C 240 28.19 -26.23 -13.40
CA ASP C 240 28.18 -27.02 -12.18
C ASP C 240 28.73 -26.20 -11.00
N PRO C 241 28.12 -25.06 -10.69
CA PRO C 241 28.71 -24.16 -9.69
C PRO C 241 28.64 -24.75 -8.29
N SER C 242 29.63 -24.41 -7.49
CA SER C 242 29.70 -24.90 -6.12
C SER C 242 28.76 -24.09 -5.22
N PHE C 243 28.52 -24.64 -4.03
CA PHE C 243 27.73 -23.94 -3.04
C PHE C 243 28.37 -22.61 -2.65
N GLU C 244 29.70 -22.53 -2.70
CA GLU C 244 30.40 -21.30 -2.34
C GLU C 244 30.34 -20.27 -3.46
N ASP C 245 30.39 -20.72 -4.72
CA ASP C 245 30.32 -19.81 -5.85
C ASP C 245 29.02 -19.01 -5.85
N MET C 246 27.90 -19.67 -5.57
CA MET C 246 26.61 -18.99 -5.60
C MET C 246 26.47 -18.03 -4.42
N ARG C 247 26.90 -18.45 -3.23
CA ARG C 247 26.75 -17.61 -2.04
C ARG C 247 27.51 -16.29 -2.19
N LYS C 248 28.71 -16.35 -2.77
CA LYS C 248 29.48 -15.13 -2.99
C LYS C 248 28.76 -14.20 -3.96
N VAL C 249 28.15 -14.76 -5.01
CA VAL C 249 27.49 -13.94 -6.02
C VAL C 249 26.18 -13.38 -5.49
N VAL C 250 25.37 -14.22 -4.85
CA VAL C 250 24.00 -13.86 -4.50
C VAL C 250 23.93 -13.12 -3.18
N CYS C 251 24.60 -13.63 -2.14
CA CYS C 251 24.48 -13.06 -0.81
C CYS C 251 25.46 -11.90 -0.59
N VAL C 252 26.74 -12.12 -0.87
CA VAL C 252 27.76 -11.11 -0.57
C VAL C 252 27.67 -9.96 -1.55
N ASP C 253 27.77 -10.26 -2.84
CA ASP C 253 27.75 -9.22 -3.87
C ASP C 253 26.35 -8.71 -4.17
N GLN C 254 25.31 -9.33 -3.61
CA GLN C 254 23.92 -8.91 -3.81
C GLN C 254 23.56 -8.86 -5.30
N GLN C 255 24.13 -9.77 -6.08
CA GLN C 255 23.97 -9.73 -7.53
C GLN C 255 22.68 -10.43 -7.97
N ARG C 256 22.14 -9.96 -9.08
CA ARG C 256 20.91 -10.47 -9.67
C ARG C 256 21.10 -10.60 -11.17
N PRO C 257 20.28 -11.39 -11.85
CA PRO C 257 20.38 -11.48 -13.31
C PRO C 257 20.14 -10.12 -13.96
N ASN C 258 20.99 -9.81 -14.94
CA ASN C 258 20.96 -8.49 -15.57
C ASN C 258 19.77 -8.37 -16.51
N ILE C 259 19.03 -7.29 -16.38
CA ILE C 259 17.90 -6.99 -17.26
C ILE C 259 18.43 -6.20 -18.44
N PRO C 260 18.39 -6.74 -19.66
CA PRO C 260 18.80 -5.95 -20.82
C PRO C 260 17.93 -4.71 -20.97
N ASN C 261 18.58 -3.58 -21.21
CA ASN C 261 17.85 -2.31 -21.23
C ASN C 261 16.85 -2.23 -22.38
N ARG C 262 16.97 -3.11 -23.38
CA ARG C 262 16.01 -3.12 -24.47
C ARG C 262 14.62 -3.52 -24.02
N TRP C 263 14.50 -4.22 -22.89
CA TRP C 263 13.20 -4.67 -22.41
C TRP C 263 12.30 -3.49 -22.05
N PHE C 264 12.90 -2.38 -21.59
CA PHE C 264 12.10 -1.26 -21.09
C PHE C 264 11.52 -0.41 -22.20
N SER C 265 11.85 -0.69 -23.46
CA SER C 265 11.13 -0.12 -24.60
C SER C 265 9.93 -0.97 -25.01
N ASP C 266 9.70 -2.09 -24.34
CA ASP C 266 8.57 -2.98 -24.63
C ASP C 266 7.66 -3.05 -23.42
N PRO C 267 6.40 -2.63 -23.53
CA PRO C 267 5.51 -2.62 -22.35
C PRO C 267 5.34 -3.99 -21.71
N THR C 268 5.39 -5.07 -22.49
CA THR C 268 5.22 -6.40 -21.91
C THR C 268 6.47 -6.83 -21.15
N LEU C 269 7.65 -6.62 -21.73
CA LEU C 269 8.89 -6.97 -21.03
C LEU C 269 9.14 -6.04 -19.85
N THR C 270 8.64 -4.80 -19.92
CA THR C 270 8.75 -3.90 -18.77
C THR C 270 7.99 -4.44 -17.58
N SER C 271 6.74 -4.89 -17.81
CA SER C 271 5.98 -5.52 -16.74
C SER C 271 6.68 -6.76 -16.22
N LEU C 272 7.26 -7.56 -17.11
CA LEU C 272 7.96 -8.76 -16.68
C LEU C 272 9.23 -8.43 -15.92
N ALA C 273 9.88 -7.30 -16.24
CA ALA C 273 11.07 -6.89 -15.50
C ALA C 273 10.70 -6.43 -14.10
N LYS C 274 9.57 -5.72 -13.95
CA LYS C 274 9.10 -5.35 -12.63
C LYS C 274 8.73 -6.58 -11.81
N LEU C 275 8.12 -7.57 -12.46
CA LEU C 275 7.73 -8.80 -11.77
C LEU C 275 8.95 -9.59 -11.33
N MET C 276 9.98 -9.65 -12.18
CA MET C 276 11.21 -10.35 -11.82
C MET C 276 11.84 -9.75 -10.56
N LYS C 277 11.87 -8.42 -10.47
CA LYS C 277 12.56 -7.76 -9.37
C LYS C 277 11.86 -8.04 -8.04
N GLU C 278 10.53 -8.01 -8.03
CA GLU C 278 9.78 -8.31 -6.82
C GLU C 278 9.82 -9.79 -6.44
N CYS C 279 10.54 -10.61 -7.20
CA CYS C 279 10.82 -11.99 -6.84
C CYS C 279 12.22 -12.18 -6.27
N TRP C 280 13.05 -11.13 -6.30
CA TRP C 280 14.48 -11.26 -6.02
C TRP C 280 14.94 -10.44 -4.82
N TYR C 281 14.00 -9.89 -4.04
CA TYR C 281 14.38 -9.16 -2.83
C TYR C 281 15.21 -10.04 -1.91
N GLN C 282 16.21 -9.44 -1.25
CA GLN C 282 16.95 -10.17 -0.23
C GLN C 282 16.06 -10.52 0.97
N ASN C 283 15.04 -9.70 1.22
CA ASN C 283 14.05 -9.93 2.27
C ASN C 283 12.95 -10.84 1.74
N PRO C 284 12.92 -12.11 2.13
CA PRO C 284 11.94 -13.05 1.54
C PRO C 284 10.50 -12.66 1.79
N SER C 285 10.21 -11.92 2.87
CA SER C 285 8.84 -11.52 3.15
C SER C 285 8.35 -10.42 2.21
N ALA C 286 9.27 -9.75 1.51
CA ALA C 286 8.90 -8.70 0.57
C ALA C 286 8.59 -9.22 -0.83
N ARG C 287 8.86 -10.49 -1.10
CA ARG C 287 8.60 -11.05 -2.41
C ARG C 287 7.10 -11.24 -2.62
N LEU C 288 6.71 -11.26 -3.89
CA LEU C 288 5.31 -11.46 -4.24
C LEU C 288 4.87 -12.89 -3.98
N THR C 289 3.59 -13.07 -3.71
CA THR C 289 3.02 -14.40 -3.62
C THR C 289 2.73 -14.94 -5.01
N ALA C 290 2.66 -16.27 -5.11
CA ALA C 290 2.34 -16.90 -6.38
C ALA C 290 1.00 -16.42 -6.91
N LEU C 291 0.03 -16.19 -6.01
CA LEU C 291 -1.28 -15.75 -6.44
C LEU C 291 -1.25 -14.32 -6.97
N ARG C 292 -0.47 -13.44 -6.32
CA ARG C 292 -0.32 -12.09 -6.83
C ARG C 292 0.38 -12.09 -8.19
N ILE C 293 1.38 -12.96 -8.36
CA ILE C 293 2.05 -13.09 -9.64
C ILE C 293 1.07 -13.48 -10.73
N LYS C 294 0.19 -14.44 -10.44
CA LYS C 294 -0.78 -14.91 -11.44
C LYS C 294 -1.77 -13.81 -11.81
N LYS C 295 -2.26 -13.06 -10.82
CA LYS C 295 -3.21 -11.98 -11.12
C LYS C 295 -2.57 -10.89 -11.96
N THR C 296 -1.30 -10.56 -11.68
CA THR C 296 -0.62 -9.53 -12.44
C THR C 296 -0.41 -9.95 -13.89
N LEU C 297 -0.05 -11.22 -14.12
CA LEU C 297 0.14 -11.69 -15.48
C LEU C 297 -1.17 -11.72 -16.25
N THR C 298 -2.27 -12.09 -15.58
CA THR C 298 -3.58 -12.07 -16.21
C THR C 298 -3.95 -10.68 -16.69
N LYS C 299 -3.51 -9.64 -15.98
CA LYS C 299 -3.89 -8.28 -16.32
C LYS C 299 -3.16 -7.75 -17.55
N ILE C 300 -2.08 -8.40 -17.97
CA ILE C 300 -1.33 -7.94 -19.13
C ILE C 300 -2.03 -8.39 -20.41
N THR D 5 -17.04 32.82 -11.59
CA THR D 5 -16.54 31.49 -11.27
C THR D 5 -17.14 30.99 -9.96
N VAL D 6 -17.53 29.72 -9.94
CA VAL D 6 -18.22 29.12 -8.80
C VAL D 6 -17.20 28.43 -7.90
N ALA D 7 -16.11 27.92 -8.48
CA ALA D 7 -15.14 27.12 -7.76
C ALA D 7 -14.19 27.95 -6.90
N ARG D 8 -14.18 29.27 -7.05
CA ARG D 8 -13.26 30.09 -6.27
C ARG D 8 -13.66 30.16 -4.80
N ASP D 9 -14.96 30.05 -4.51
CA ASP D 9 -15.46 30.11 -3.14
C ASP D 9 -15.59 28.75 -2.49
N ILE D 10 -15.30 27.67 -3.20
CA ILE D 10 -15.44 26.32 -2.66
C ILE D 10 -14.23 25.98 -1.81
N THR D 11 -14.48 25.38 -0.65
CA THR D 11 -13.43 24.89 0.23
C THR D 11 -13.60 23.39 0.38
N LEU D 12 -12.61 22.63 -0.06
CA LEU D 12 -12.67 21.18 -0.02
C LEU D 12 -12.44 20.71 1.42
N LEU D 13 -13.47 20.12 2.03
CA LEU D 13 -13.46 19.77 3.44
C LEU D 13 -13.08 18.32 3.69
N GLU D 14 -13.66 17.38 2.94
CA GLU D 14 -13.41 15.96 3.16
C GLU D 14 -13.62 15.20 1.87
N CYS D 15 -12.77 14.20 1.63
CA CYS D 15 -12.91 13.33 0.48
C CYS D 15 -13.88 12.21 0.81
N VAL D 16 -15.02 12.18 0.12
CA VAL D 16 -16.08 11.21 0.41
C VAL D 16 -16.07 10.03 -0.55
N GLY D 17 -15.27 10.07 -1.60
CA GLY D 17 -15.22 8.98 -2.56
C GLY D 17 -14.08 9.10 -3.55
N LYS D 18 -13.56 7.96 -3.99
CA LYS D 18 -12.45 7.94 -4.95
C LYS D 18 -12.45 6.65 -5.75
N TYR D 21 -12.26 6.75 -12.08
CA TYR D 21 -12.96 7.96 -12.50
C TYR D 21 -12.31 9.22 -11.93
N GLY D 22 -11.99 9.18 -10.65
CA GLY D 22 -11.38 10.31 -9.97
C GLY D 22 -11.72 10.29 -8.50
N GLU D 23 -11.62 11.46 -7.87
CA GLU D 23 -11.91 11.62 -6.45
C GLU D 23 -13.06 12.61 -6.27
N VAL D 24 -13.87 12.37 -5.23
CA VAL D 24 -15.03 13.18 -4.93
C VAL D 24 -14.84 13.79 -3.54
N TRP D 25 -15.18 15.07 -3.40
CA TRP D 25 -14.91 15.82 -2.18
C TRP D 25 -16.16 16.55 -1.70
N ARG D 26 -16.37 16.52 -0.38
CA ARG D 26 -17.36 17.38 0.23
C ARG D 26 -16.79 18.79 0.37
N GLY D 27 -17.50 19.77 -0.15
CA GLY D 27 -17.00 21.13 -0.17
C GLY D 27 -18.06 22.11 0.27
N SER D 28 -17.61 23.18 0.91
CA SER D 28 -18.48 24.27 1.34
C SER D 28 -18.43 25.38 0.31
N TRP D 29 -19.60 25.80 -0.18
CA TRP D 29 -19.72 26.91 -1.11
C TRP D 29 -20.90 27.77 -0.68
N GLN D 30 -20.61 28.98 -0.22
CA GLN D 30 -21.63 29.92 0.25
C GLN D 30 -22.50 29.27 1.33
N GLY D 31 -21.87 28.50 2.22
CA GLY D 31 -22.53 27.83 3.31
C GLY D 31 -23.06 26.45 3.00
N GLU D 32 -23.62 26.27 1.81
CA GLU D 32 -24.22 25.00 1.44
C GLU D 32 -23.14 23.97 1.11
N ASN D 33 -23.47 22.69 1.33
CA ASN D 33 -22.59 21.61 0.93
C ASN D 33 -22.69 21.37 -0.58
N VAL D 34 -21.55 21.08 -1.21
CA VAL D 34 -21.50 20.66 -2.60
C VAL D 34 -20.49 19.53 -2.72
N ALA D 35 -20.72 18.66 -3.69
CA ALA D 35 -19.78 17.59 -4.02
C ALA D 35 -18.94 18.01 -5.21
N VAL D 36 -17.63 17.87 -5.09
CA VAL D 36 -16.69 18.25 -6.13
C VAL D 36 -15.94 16.99 -6.55
N LYS D 37 -16.09 16.61 -7.82
CA LYS D 37 -15.37 15.50 -8.40
C LYS D 37 -14.13 16.05 -9.11
N ILE D 38 -12.95 15.62 -8.66
CA ILE D 38 -11.70 16.07 -9.22
C ILE D 38 -11.19 14.99 -10.16
N PHE D 39 -11.21 15.28 -11.46
CA PHE D 39 -10.75 14.33 -12.46
C PHE D 39 -9.23 14.40 -12.61
N SER D 40 -8.67 13.30 -13.13
CA SER D 40 -7.30 13.32 -13.61
C SER D 40 -7.26 13.86 -15.04
N SER D 41 -6.07 14.22 -15.49
CA SER D 41 -5.91 14.62 -16.88
C SER D 41 -6.16 13.44 -17.82
N ARG D 42 -5.91 12.22 -17.34
CA ARG D 42 -6.15 11.02 -18.13
C ARG D 42 -7.64 10.83 -18.42
N ASP D 43 -8.51 11.27 -17.52
CA ASP D 43 -9.96 11.13 -17.69
C ASP D 43 -10.60 12.44 -18.15
N GLU D 44 -9.93 13.17 -19.03
CA GLU D 44 -10.46 14.44 -19.51
C GLU D 44 -11.67 14.25 -20.43
N LYS D 45 -11.66 13.18 -21.23
CA LYS D 45 -12.82 12.90 -22.08
C LYS D 45 -14.05 12.59 -21.25
N SER D 46 -13.88 11.87 -20.14
CA SER D 46 -15.00 11.61 -19.23
C SER D 46 -15.53 12.90 -18.63
N TRP D 47 -14.63 13.79 -18.19
CA TRP D 47 -15.06 15.05 -17.61
C TRP D 47 -15.90 15.85 -18.60
N PHE D 48 -15.44 15.93 -19.85
CA PHE D 48 -16.16 16.72 -20.83
C PHE D 48 -17.46 16.05 -21.27
N ARG D 49 -17.49 14.72 -21.29
CA ARG D 49 -18.73 14.03 -21.63
C ARG D 49 -19.82 14.32 -20.62
N GLU D 50 -19.49 14.21 -19.33
CA GLU D 50 -20.46 14.52 -18.28
C GLU D 50 -20.85 15.99 -18.31
N THR D 51 -19.86 16.88 -18.45
CA THR D 51 -20.13 18.31 -18.50
C THR D 51 -21.04 18.67 -19.68
N GLU D 52 -20.66 18.20 -20.87
CA GLU D 52 -21.42 18.51 -22.09
C GLU D 52 -22.89 18.17 -21.94
N LEU D 53 -23.20 17.00 -21.38
CA LEU D 53 -24.58 16.63 -21.13
C LEU D 53 -25.27 17.62 -20.19
N TYR D 54 -24.54 18.11 -19.18
CA TYR D 54 -25.16 19.00 -18.20
C TYR D 54 -25.30 20.41 -18.75
N ASN D 55 -24.28 20.92 -19.45
CA ASN D 55 -24.26 22.34 -19.82
C ASN D 55 -24.70 22.61 -21.26
N THR D 56 -24.91 21.58 -22.07
CA THR D 56 -25.42 21.77 -23.42
C THR D 56 -26.76 21.09 -23.63
N VAL D 57 -26.87 19.80 -23.30
CA VAL D 57 -28.16 19.10 -23.32
C VAL D 57 -29.09 19.57 -22.21
N MET D 58 -28.55 20.29 -21.22
CA MET D 58 -29.33 20.83 -20.10
C MET D 58 -30.06 19.72 -19.36
N LEU D 59 -29.32 18.64 -19.06
CA LEU D 59 -29.90 17.46 -18.42
C LEU D 59 -30.24 17.76 -16.98
N ARG D 60 -31.53 17.78 -16.66
CA ARG D 60 -32.00 17.95 -15.29
C ARG D 60 -33.20 17.04 -15.08
N HIS D 61 -33.27 16.45 -13.88
CA HIS D 61 -34.36 15.57 -13.47
C HIS D 61 -34.21 15.30 -11.98
N GLU D 62 -35.34 15.15 -11.29
CA GLU D 62 -35.29 14.92 -9.85
C GLU D 62 -34.54 13.65 -9.48
N ASN D 63 -34.34 12.73 -10.43
CA ASN D 63 -33.63 11.49 -10.18
C ASN D 63 -32.34 11.38 -10.99
N ILE D 64 -31.82 12.51 -11.46
CA ILE D 64 -30.49 12.61 -12.03
C ILE D 64 -29.71 13.60 -11.20
N LEU D 65 -28.45 13.26 -10.89
CA LEU D 65 -27.62 14.09 -10.02
C LEU D 65 -27.59 15.54 -10.54
N GLY D 66 -27.81 16.48 -9.62
CA GLY D 66 -28.01 17.87 -9.98
C GLY D 66 -26.76 18.66 -10.30
N PHE D 67 -26.66 19.12 -11.55
CA PHE D 67 -25.49 19.88 -11.98
C PHE D 67 -25.46 21.27 -11.36
N ILE D 68 -24.26 21.71 -10.99
CA ILE D 68 -24.06 23.06 -10.45
C ILE D 68 -23.06 23.81 -11.32
N ALA D 69 -21.85 23.28 -11.44
CA ALA D 69 -20.80 23.97 -12.18
C ALA D 69 -19.74 22.99 -12.63
N SER D 70 -19.01 23.37 -13.69
CA SER D 70 -17.87 22.64 -14.19
C SER D 70 -16.78 23.63 -14.56
N ASP D 71 -15.53 23.26 -14.29
CA ASP D 71 -14.42 24.18 -14.48
C ASP D 71 -13.19 23.43 -14.97
N MET D 72 -12.45 24.06 -15.88
CA MET D 72 -11.19 23.51 -16.38
C MET D 72 -10.17 24.63 -16.53
N THR D 73 -8.95 24.36 -16.08
CA THR D 73 -7.82 25.25 -16.32
C THR D 73 -6.65 24.39 -16.79
N SER D 74 -6.08 24.72 -17.95
CA SER D 74 -4.96 23.99 -18.52
C SER D 74 -3.92 24.99 -18.98
N ARG D 75 -2.70 24.87 -18.46
CA ARG D 75 -1.62 25.83 -18.76
C ARG D 75 -0.30 25.09 -18.80
N HIS D 76 -0.18 24.12 -19.71
CA HIS D 76 1.05 23.36 -19.93
C HIS D 76 1.48 22.60 -18.69
N SER D 77 1.83 23.33 -17.62
CA SER D 77 2.35 22.68 -16.42
C SER D 77 1.28 21.85 -15.73
N SER D 78 0.03 22.33 -15.75
CA SER D 78 -1.04 21.68 -15.01
C SER D 78 -2.33 21.71 -15.80
N THR D 79 -3.22 20.78 -15.46
CA THR D 79 -4.59 20.76 -15.93
C THR D 79 -5.49 20.40 -14.75
N GLN D 80 -6.51 21.21 -14.51
CA GLN D 80 -7.44 21.02 -13.40
C GLN D 80 -8.84 20.85 -13.96
N LEU D 81 -9.51 19.77 -13.56
CA LEU D 81 -10.84 19.42 -14.05
C LEU D 81 -11.77 19.23 -12.86
N TRP D 82 -12.76 20.12 -12.72
CA TRP D 82 -13.68 20.10 -11.60
C TRP D 82 -15.11 19.98 -12.10
N LEU D 83 -15.89 19.10 -11.47
CA LEU D 83 -17.32 19.00 -11.66
C LEU D 83 -17.99 19.18 -10.31
N ILE D 84 -18.93 20.12 -10.23
CA ILE D 84 -19.59 20.46 -8.98
C ILE D 84 -21.08 20.16 -9.11
N THR D 85 -21.60 19.39 -8.17
CA THR D 85 -23.01 18.98 -8.17
C THR D 85 -23.58 19.11 -6.77
N HIS D 86 -24.88 18.87 -6.65
CA HIS D 86 -25.51 18.87 -5.34
C HIS D 86 -24.92 17.77 -4.46
N TYR D 87 -24.97 18.00 -3.16
CA TYR D 87 -24.44 17.04 -2.20
C TYR D 87 -25.56 16.15 -1.68
N HIS D 88 -25.19 14.91 -1.33
CA HIS D 88 -26.14 13.93 -0.81
C HIS D 88 -25.42 13.15 0.29
N GLU D 89 -25.56 13.64 1.52
CA GLU D 89 -24.82 13.11 2.67
C GLU D 89 -25.08 11.62 2.91
N MET D 90 -26.12 11.04 2.31
CA MET D 90 -26.42 9.63 2.49
C MET D 90 -25.46 8.72 1.73
N GLY D 91 -24.77 9.24 0.72
CA GLY D 91 -23.83 8.43 -0.03
C GLY D 91 -24.49 7.61 -1.12
N SER D 92 -23.75 6.62 -1.60
CA SER D 92 -24.23 5.77 -2.68
C SER D 92 -25.33 4.82 -2.19
N LEU D 93 -26.09 4.28 -3.14
CA LEU D 93 -27.02 3.21 -2.81
C LEU D 93 -26.28 1.98 -2.31
N TYR D 94 -25.09 1.72 -2.86
CA TYR D 94 -24.27 0.61 -2.39
C TYR D 94 -24.00 0.72 -0.90
N ASP D 95 -23.52 1.89 -0.45
CA ASP D 95 -23.27 2.11 0.97
C ASP D 95 -24.55 1.98 1.78
N TYR D 96 -25.59 2.71 1.36
CA TYR D 96 -26.84 2.76 2.12
C TYR D 96 -27.41 1.36 2.37
N LEU D 97 -27.33 0.48 1.37
CA LEU D 97 -27.86 -0.87 1.53
C LEU D 97 -27.05 -1.71 2.50
N GLN D 98 -25.78 -1.39 2.71
CA GLN D 98 -24.99 -2.08 3.72
C GLN D 98 -25.58 -1.89 5.11
N LEU D 99 -26.11 -0.70 5.38
CA LEU D 99 -26.52 -0.29 6.72
C LEU D 99 -28.01 -0.44 6.98
N THR D 100 -28.84 -0.22 5.97
CA THR D 100 -30.29 -0.12 6.17
C THR D 100 -31.00 -1.34 5.61
N THR D 101 -32.00 -1.81 6.36
CA THR D 101 -33.02 -2.68 5.81
C THR D 101 -34.19 -1.83 5.33
N LEU D 102 -35.07 -2.44 4.55
CA LEU D 102 -36.13 -1.70 3.89
C LEU D 102 -37.48 -2.34 4.15
N ASP D 103 -38.53 -1.52 4.07
CA ASP D 103 -39.91 -1.99 4.08
C ASP D 103 -40.49 -1.85 2.68
N THR D 104 -41.79 -2.12 2.56
CA THR D 104 -42.44 -2.08 1.24
C THR D 104 -42.39 -0.68 0.64
N VAL D 105 -42.56 0.36 1.46
CA VAL D 105 -42.64 1.72 0.94
C VAL D 105 -41.27 2.23 0.50
N SER D 106 -40.27 2.12 1.38
CA SER D 106 -38.95 2.64 1.03
C SER D 106 -38.29 1.84 -0.09
N CYS D 107 -38.58 0.54 -0.17
CA CYS D 107 -38.04 -0.26 -1.26
C CYS D 107 -38.56 0.23 -2.61
N LEU D 108 -39.87 0.42 -2.71
CA LEU D 108 -40.45 0.85 -3.98
C LEU D 108 -40.04 2.27 -4.33
N ARG D 109 -39.91 3.14 -3.33
CA ARG D 109 -39.48 4.51 -3.59
C ARG D 109 -38.10 4.55 -4.23
N ILE D 110 -37.19 3.70 -3.77
CA ILE D 110 -35.84 3.65 -4.33
C ILE D 110 -35.89 3.20 -5.78
N VAL D 111 -36.54 2.06 -6.06
CA VAL D 111 -36.43 1.47 -7.39
C VAL D 111 -37.27 2.24 -8.40
N LEU D 112 -38.38 2.86 -7.98
CA LEU D 112 -39.17 3.65 -8.91
C LEU D 112 -38.40 4.90 -9.35
N SER D 113 -37.74 5.58 -8.41
CA SER D 113 -37.00 6.78 -8.77
C SER D 113 -35.82 6.47 -9.70
N ILE D 114 -35.16 5.33 -9.47
CA ILE D 114 -34.12 4.89 -10.41
C ILE D 114 -34.74 4.64 -11.78
N ALA D 115 -35.85 3.89 -11.82
CA ALA D 115 -36.54 3.64 -13.08
C ALA D 115 -37.02 4.94 -13.71
N SER D 116 -37.53 5.87 -12.88
CA SER D 116 -37.91 7.17 -13.39
C SER D 116 -36.70 7.94 -13.93
N GLY D 117 -35.61 7.93 -13.18
CA GLY D 117 -34.39 8.59 -13.65
C GLY D 117 -33.82 7.93 -14.89
N LEU D 118 -33.79 6.60 -14.91
CA LEU D 118 -33.32 5.88 -16.10
C LEU D 118 -34.28 6.04 -17.27
N ALA D 119 -35.58 6.19 -16.99
CA ALA D 119 -36.53 6.41 -18.08
C ALA D 119 -36.28 7.74 -18.77
N HIS D 120 -35.92 8.77 -18.01
CA HIS D 120 -35.69 10.08 -18.59
C HIS D 120 -34.45 10.07 -19.49
N LEU D 121 -33.36 9.44 -19.03
CA LEU D 121 -32.14 9.37 -19.83
C LEU D 121 -32.40 8.75 -21.19
N HIS D 122 -33.27 7.73 -21.24
CA HIS D 122 -33.43 6.96 -22.47
C HIS D 122 -34.36 7.63 -23.47
N ILE D 123 -35.42 8.29 -23.00
CA ILE D 123 -36.41 8.86 -23.91
C ILE D 123 -35.81 10.04 -24.66
N GLU D 124 -36.06 10.09 -25.97
CA GLU D 124 -35.69 11.25 -26.78
C GLU D 124 -36.82 12.27 -26.76
N ILE D 125 -36.46 13.54 -26.59
CA ILE D 125 -37.41 14.63 -26.41
C ILE D 125 -37.11 15.73 -27.40
N PHE D 126 -38.15 16.25 -28.05
CA PHE D 126 -38.00 17.26 -29.09
C PHE D 126 -38.29 18.66 -28.53
N GLY D 127 -38.14 19.65 -29.39
CA GLY D 127 -38.34 21.05 -29.01
C GLY D 127 -37.02 21.76 -28.80
N THR D 128 -37.14 23.05 -28.48
CA THR D 128 -35.96 23.85 -28.17
C THR D 128 -35.37 23.49 -26.82
N GLN D 129 -36.15 22.91 -25.93
CA GLN D 129 -35.67 22.41 -24.64
C GLN D 129 -35.58 20.88 -24.61
N GLY D 130 -35.58 20.25 -25.78
CA GLY D 130 -35.49 18.81 -25.85
C GLY D 130 -34.10 18.30 -25.52
N LYS D 131 -33.89 17.03 -25.84
CA LYS D 131 -32.62 16.38 -25.51
C LYS D 131 -32.50 15.09 -26.31
N PRO D 132 -31.28 14.65 -26.59
CA PRO D 132 -31.09 13.34 -27.23
C PRO D 132 -31.29 12.21 -26.23
N ALA D 133 -31.42 11.00 -26.77
CA ALA D 133 -31.50 9.81 -25.96
C ALA D 133 -30.11 9.47 -25.40
N ILE D 134 -30.05 9.16 -24.10
CA ILE D 134 -28.80 8.96 -23.40
C ILE D 134 -28.80 7.57 -22.77
N ALA D 135 -27.71 6.85 -22.94
CA ALA D 135 -27.47 5.58 -22.26
C ALA D 135 -26.30 5.73 -21.29
N HIS D 136 -26.46 5.18 -20.09
CA HIS D 136 -25.51 5.44 -19.00
C HIS D 136 -24.20 4.68 -19.21
N ARG D 137 -24.27 3.35 -19.33
CA ARG D 137 -23.18 2.40 -19.62
C ARG D 137 -22.34 2.02 -18.40
N ASP D 138 -22.61 2.57 -17.22
CA ASP D 138 -21.95 2.12 -15.99
C ASP D 138 -22.93 2.17 -14.83
N LEU D 139 -24.16 1.73 -15.08
CA LEU D 139 -25.20 1.77 -14.06
C LEU D 139 -24.98 0.66 -13.03
N LYS D 140 -24.92 1.05 -11.77
CA LYS D 140 -24.73 0.11 -10.66
C LYS D 140 -25.06 0.84 -9.37
N SER D 141 -24.99 0.11 -8.26
CA SER D 141 -25.40 0.67 -6.97
C SER D 141 -24.45 1.75 -6.48
N LYS D 142 -23.16 1.65 -6.79
CA LYS D 142 -22.22 2.69 -6.38
C LYS D 142 -22.39 3.98 -7.14
N ASN D 143 -23.07 3.96 -8.30
CA ASN D 143 -23.28 5.15 -9.09
C ASN D 143 -24.69 5.71 -8.94
N ILE D 144 -25.39 5.31 -7.89
CA ILE D 144 -26.70 5.84 -7.55
C ILE D 144 -26.62 6.40 -6.13
N LEU D 145 -27.11 7.62 -5.93
CA LEU D 145 -27.05 8.29 -4.65
C LEU D 145 -28.43 8.39 -4.02
N VAL D 146 -28.46 8.30 -2.69
CA VAL D 146 -29.70 8.31 -1.92
C VAL D 146 -29.91 9.69 -1.32
N LYS D 147 -31.12 10.21 -1.40
CA LYS D 147 -31.47 11.46 -0.76
C LYS D 147 -32.06 11.18 0.63
N LYS D 148 -32.38 12.26 1.35
CA LYS D 148 -33.06 12.12 2.63
C LYS D 148 -34.54 11.83 2.47
N ASN D 149 -35.14 12.17 1.33
CA ASN D 149 -36.55 11.91 1.08
C ASN D 149 -36.81 10.49 0.59
N GLY D 150 -35.83 9.60 0.71
CA GLY D 150 -35.97 8.23 0.28
C GLY D 150 -35.80 7.99 -1.20
N GLN D 151 -35.89 9.03 -2.03
CA GLN D 151 -35.70 8.85 -3.46
C GLN D 151 -34.21 8.72 -3.77
N CYS D 152 -33.92 8.42 -5.04
CA CYS D 152 -32.55 8.24 -5.50
C CYS D 152 -32.31 9.08 -6.74
N CYS D 153 -31.03 9.23 -7.09
CA CYS D 153 -30.65 9.92 -8.32
C CYS D 153 -29.47 9.20 -8.95
N ILE D 154 -29.53 9.00 -10.26
CA ILE D 154 -28.42 8.42 -11.01
C ILE D 154 -27.33 9.47 -11.14
N ALA D 155 -26.07 9.06 -11.03
CA ALA D 155 -24.99 10.00 -10.74
C ALA D 155 -23.93 10.07 -11.82
N ASP D 156 -23.24 8.98 -12.14
CA ASP D 156 -21.98 9.02 -12.88
C ASP D 156 -22.25 8.90 -14.38
N LEU D 157 -22.11 10.01 -15.10
CA LEU D 157 -22.35 10.04 -16.54
C LEU D 157 -21.07 10.17 -17.35
N GLY D 158 -19.94 9.70 -16.79
CA GLY D 158 -18.67 9.83 -17.47
C GLY D 158 -18.59 9.05 -18.76
N LEU D 159 -19.32 7.95 -18.87
CA LEU D 159 -19.25 7.06 -20.02
C LEU D 159 -20.51 7.07 -20.87
N ALA D 160 -21.39 8.05 -20.70
CA ALA D 160 -22.67 8.03 -21.40
C ALA D 160 -22.51 8.32 -22.89
N VAL D 161 -23.54 7.96 -23.66
CA VAL D 161 -23.57 8.13 -25.11
C VAL D 161 -24.93 8.66 -25.52
N MET D 162 -24.95 9.49 -26.57
CA MET D 162 -26.14 10.20 -27.00
C MET D 162 -26.60 9.71 -28.38
N HIS D 163 -27.89 9.90 -28.64
CA HIS D 163 -28.41 9.67 -29.99
C HIS D 163 -29.67 10.49 -30.21
N SER D 164 -29.61 11.44 -31.14
CA SER D 164 -30.79 12.00 -31.76
C SER D 164 -30.98 11.35 -33.12
N GLN D 165 -32.20 11.42 -33.64
CA GLN D 165 -32.47 10.76 -34.92
C GLN D 165 -31.65 11.36 -36.05
N SER D 166 -31.24 12.62 -35.90
CA SER D 166 -30.42 13.25 -36.92
C SER D 166 -29.06 12.57 -37.05
N THR D 167 -28.45 12.22 -35.93
CA THR D 167 -27.06 11.75 -35.92
C THR D 167 -26.93 10.39 -36.59
N ASN D 168 -25.73 10.15 -37.14
CA ASN D 168 -25.35 8.84 -37.66
C ASN D 168 -24.06 8.30 -37.06
N GLN D 169 -23.38 9.08 -36.21
CA GLN D 169 -22.16 8.65 -35.53
C GLN D 169 -22.43 8.52 -34.03
N LEU D 170 -21.64 7.70 -33.37
CA LEU D 170 -21.83 7.42 -31.94
C LEU D 170 -20.47 7.34 -31.28
N ASP D 171 -20.41 6.65 -30.14
CA ASP D 171 -19.16 6.46 -29.40
C ASP D 171 -19.07 5.04 -28.88
N ASN D 175 -13.23 2.68 -27.12
CA ASN D 175 -13.79 2.29 -25.84
C ASN D 175 -14.93 1.29 -26.02
N PRO D 176 -14.60 0.05 -26.36
CA PRO D 176 -15.64 -0.93 -26.69
C PRO D 176 -16.44 -1.41 -25.48
N ARG D 177 -15.78 -1.97 -24.48
CA ARG D 177 -16.44 -2.46 -23.26
C ARG D 177 -15.87 -1.67 -22.08
N VAL D 178 -16.49 -0.53 -21.79
CA VAL D 178 -16.07 0.32 -20.69
C VAL D 178 -17.19 0.32 -19.66
N GLY D 179 -16.94 -0.34 -18.53
CA GLY D 179 -17.92 -0.48 -17.48
C GLY D 179 -17.52 -1.57 -16.52
N THR D 180 -18.13 -1.53 -15.34
CA THR D 180 -17.80 -2.50 -14.30
C THR D 180 -18.17 -3.91 -14.75
N LYS D 181 -17.20 -4.83 -14.63
CA LYS D 181 -17.35 -6.16 -15.23
C LYS D 181 -18.43 -6.96 -14.53
N ARG D 182 -18.59 -6.79 -13.22
CA ARG D 182 -19.63 -7.51 -12.50
C ARG D 182 -21.02 -7.16 -13.02
N TYR D 183 -21.17 -6.01 -13.67
CA TYR D 183 -22.45 -5.55 -14.17
C TYR D 183 -22.58 -5.64 -15.68
N MET D 184 -21.58 -6.19 -16.37
CA MET D 184 -21.61 -6.24 -17.83
C MET D 184 -22.66 -7.23 -18.31
N ALA D 185 -23.39 -6.82 -19.36
CA ALA D 185 -24.42 -7.66 -19.97
C ALA D 185 -23.77 -8.76 -20.81
N PRO D 186 -24.47 -9.90 -20.98
CA PRO D 186 -23.89 -11.01 -21.76
C PRO D 186 -23.41 -10.61 -23.15
N GLU D 187 -24.14 -9.75 -23.86
CA GLU D 187 -23.69 -9.34 -25.19
C GLU D 187 -22.40 -8.53 -25.13
N VAL D 188 -22.11 -7.89 -23.99
CA VAL D 188 -20.83 -7.20 -23.83
C VAL D 188 -19.72 -8.20 -23.55
N LEU D 189 -20.00 -9.23 -22.76
CA LEU D 189 -18.98 -10.21 -22.41
C LEU D 189 -18.63 -11.11 -23.59
N ASP D 190 -19.64 -11.55 -24.36
CA ASP D 190 -19.39 -12.40 -25.51
C ASP D 190 -19.29 -11.62 -26.81
N GLU D 191 -19.29 -10.29 -26.74
CA GLU D 191 -18.98 -9.39 -27.84
C GLU D 191 -19.97 -9.47 -29.00
N THR D 192 -21.15 -10.03 -28.79
CA THR D 192 -22.18 -10.07 -29.83
C THR D 192 -23.06 -8.81 -29.81
N ILE D 193 -22.66 -7.77 -29.10
CA ILE D 193 -23.44 -6.55 -29.03
C ILE D 193 -23.35 -5.81 -30.36
N GLN D 194 -24.49 -5.31 -30.84
CA GLN D 194 -24.54 -4.55 -32.09
C GLN D 194 -24.11 -3.12 -31.78
N VAL D 195 -22.81 -2.87 -31.90
CA VAL D 195 -22.22 -1.61 -31.48
C VAL D 195 -22.70 -0.42 -32.29
N ASP D 196 -23.44 -0.66 -33.38
CA ASP D 196 -23.94 0.41 -34.22
C ASP D 196 -25.44 0.61 -34.10
N CYS D 197 -26.10 -0.12 -33.21
CA CYS D 197 -27.49 0.14 -32.84
C CYS D 197 -27.47 0.84 -31.49
N PHE D 198 -28.09 2.02 -31.42
CA PHE D 198 -28.12 2.75 -30.15
C PHE D 198 -28.96 2.04 -29.10
N ASP D 199 -30.02 1.35 -29.52
CA ASP D 199 -30.84 0.62 -28.57
C ASP D 199 -30.10 -0.51 -27.88
N SER D 200 -28.97 -0.96 -28.45
CA SER D 200 -28.17 -1.97 -27.78
C SER D 200 -27.69 -1.48 -26.42
N TYR D 201 -27.31 -0.20 -26.33
CA TYR D 201 -26.79 0.32 -25.07
C TYR D 201 -27.91 0.57 -24.06
N LYS D 202 -29.11 0.92 -24.54
CA LYS D 202 -30.26 1.02 -23.65
C LYS D 202 -30.58 -0.33 -23.01
N ARG D 203 -30.20 -1.43 -23.68
CA ARG D 203 -30.43 -2.76 -23.14
C ARG D 203 -29.31 -3.21 -22.21
N VAL D 204 -28.10 -2.69 -22.38
CA VAL D 204 -27.05 -2.93 -21.39
C VAL D 204 -27.42 -2.26 -20.07
N ASP D 205 -28.04 -1.08 -20.14
CA ASP D 205 -28.50 -0.41 -18.93
C ASP D 205 -29.60 -1.20 -18.23
N ILE D 206 -30.53 -1.78 -19.00
CA ILE D 206 -31.63 -2.53 -18.39
C ILE D 206 -31.10 -3.76 -17.68
N TRP D 207 -30.13 -4.46 -18.29
CA TRP D 207 -29.47 -5.58 -17.61
C TRP D 207 -28.86 -5.13 -16.28
N ALA D 208 -28.08 -4.05 -16.30
CA ALA D 208 -27.46 -3.56 -15.09
C ALA D 208 -28.50 -3.11 -14.07
N PHE D 209 -29.60 -2.51 -14.54
CA PHE D 209 -30.66 -2.11 -13.63
C PHE D 209 -31.33 -3.30 -12.97
N GLY D 210 -31.44 -4.42 -13.70
CA GLY D 210 -31.98 -5.62 -13.10
C GLY D 210 -31.14 -6.12 -11.94
N LEU D 211 -29.81 -5.97 -12.05
CA LEU D 211 -28.93 -6.35 -10.95
C LEU D 211 -29.16 -5.46 -9.73
N VAL D 212 -29.32 -4.15 -9.95
CA VAL D 212 -29.59 -3.23 -8.84
C VAL D 212 -30.92 -3.59 -8.17
N LEU D 213 -31.93 -3.93 -8.97
CA LEU D 213 -33.19 -4.42 -8.43
C LEU D 213 -32.96 -5.60 -7.49
N TRP D 214 -32.08 -6.53 -7.90
CA TRP D 214 -31.77 -7.69 -7.07
C TRP D 214 -31.10 -7.27 -5.76
N GLU D 215 -30.16 -6.32 -5.84
CA GLU D 215 -29.46 -5.87 -4.63
C GLU D 215 -30.43 -5.22 -3.65
N VAL D 216 -31.33 -4.38 -4.16
CA VAL D 216 -32.24 -3.64 -3.29
C VAL D 216 -33.28 -4.57 -2.68
N ALA D 217 -33.81 -5.51 -3.48
CA ALA D 217 -34.88 -6.37 -3.00
C ALA D 217 -34.42 -7.28 -1.87
N ARG D 218 -33.16 -7.73 -1.90
CA ARG D 218 -32.64 -8.56 -0.82
C ARG D 218 -32.74 -7.85 0.53
N ARG D 219 -32.59 -6.52 0.53
CA ARG D 219 -32.56 -5.75 1.76
C ARG D 219 -33.93 -5.36 2.28
N MET D 220 -35.00 -5.65 1.53
CA MET D 220 -36.34 -5.36 2.01
C MET D 220 -36.81 -6.48 2.92
N VAL D 221 -37.41 -6.10 4.05
CA VAL D 221 -37.93 -7.07 5.00
C VAL D 221 -39.32 -7.52 4.54
N SER D 222 -39.55 -8.83 4.61
CA SER D 222 -40.87 -9.39 4.37
C SER D 222 -41.03 -10.61 5.25
N ASN D 223 -42.11 -10.65 6.02
CA ASN D 223 -42.34 -11.72 7.00
C ASN D 223 -41.18 -11.82 7.99
N GLY D 224 -40.59 -10.69 8.34
CA GLY D 224 -39.48 -10.66 9.28
C GLY D 224 -38.20 -11.28 8.79
N ILE D 225 -38.07 -11.56 7.50
CA ILE D 225 -36.88 -12.18 6.93
C ILE D 225 -36.20 -11.17 6.01
N VAL D 226 -34.86 -11.13 6.09
CA VAL D 226 -34.08 -10.24 5.22
C VAL D 226 -32.69 -10.84 5.09
N GLU D 227 -32.12 -10.70 3.89
CA GLU D 227 -30.76 -11.14 3.65
C GLU D 227 -29.80 -9.97 3.83
N ASP D 228 -28.54 -10.29 4.07
CA ASP D 228 -27.52 -9.26 4.13
C ASP D 228 -27.20 -8.78 2.72
N TYR D 229 -26.55 -7.62 2.63
CA TYR D 229 -26.17 -7.13 1.32
C TYR D 229 -25.14 -8.05 0.69
N LYS D 230 -25.31 -8.29 -0.61
CA LYS D 230 -24.33 -8.98 -1.42
C LYS D 230 -24.31 -8.33 -2.79
N PRO D 231 -23.15 -8.27 -3.45
CA PRO D 231 -23.10 -7.77 -4.81
C PRO D 231 -23.62 -8.81 -5.79
N PRO D 232 -23.90 -8.43 -7.03
CA PRO D 232 -24.33 -9.43 -8.03
C PRO D 232 -23.26 -10.48 -8.24
N PHE D 233 -23.70 -11.75 -8.34
CA PHE D 233 -22.81 -12.87 -8.60
C PHE D 233 -21.75 -13.01 -7.50
N TYR D 234 -22.15 -12.73 -6.26
CA TYR D 234 -21.21 -12.76 -5.15
C TYR D 234 -20.69 -14.17 -4.86
N ASP D 235 -21.43 -15.20 -5.26
CA ASP D 235 -21.10 -16.57 -4.90
C ASP D 235 -20.50 -17.37 -6.06
N VAL D 236 -20.11 -16.70 -7.15
CA VAL D 236 -19.63 -17.42 -8.32
C VAL D 236 -18.38 -16.76 -8.91
N VAL D 237 -18.09 -15.53 -8.49
CA VAL D 237 -16.88 -14.85 -8.95
C VAL D 237 -16.13 -14.26 -7.75
N PRO D 238 -14.79 -14.19 -7.80
CA PRO D 238 -14.06 -13.51 -6.73
C PRO D 238 -14.19 -12.00 -6.82
N ASN D 239 -13.64 -11.28 -5.86
CA ASN D 239 -13.67 -9.83 -5.90
C ASN D 239 -12.80 -9.32 -7.06
N ASP D 240 -13.25 -8.23 -7.68
CA ASP D 240 -12.63 -7.68 -8.87
C ASP D 240 -12.47 -8.77 -9.95
N PRO D 241 -13.57 -9.32 -10.47
CA PRO D 241 -13.46 -10.39 -11.45
C PRO D 241 -12.96 -9.87 -12.79
N SER D 242 -12.48 -10.81 -13.60
CA SER D 242 -11.97 -10.50 -14.93
C SER D 242 -13.07 -10.71 -15.98
N PHE D 243 -12.74 -10.35 -17.22
CA PHE D 243 -13.63 -10.65 -18.33
C PHE D 243 -13.91 -12.14 -18.43
N GLU D 244 -12.90 -12.97 -18.14
CA GLU D 244 -13.05 -14.41 -18.29
C GLU D 244 -13.97 -15.00 -17.22
N ASP D 245 -13.81 -14.55 -15.97
CA ASP D 245 -14.63 -15.08 -14.89
C ASP D 245 -16.10 -14.74 -15.10
N MET D 246 -16.39 -13.53 -15.59
CA MET D 246 -17.78 -13.13 -15.82
C MET D 246 -18.37 -13.85 -17.02
N ARG D 247 -17.59 -14.01 -18.09
CA ARG D 247 -18.11 -14.60 -19.32
C ARG D 247 -18.45 -16.07 -19.15
N LYS D 248 -17.77 -16.77 -18.25
CA LYS D 248 -18.10 -18.17 -18.00
C LYS D 248 -19.40 -18.29 -17.20
N VAL D 249 -19.61 -17.38 -16.25
CA VAL D 249 -20.79 -17.45 -15.39
C VAL D 249 -22.04 -16.95 -16.11
N VAL D 250 -21.91 -15.86 -16.86
CA VAL D 250 -23.08 -15.21 -17.47
C VAL D 250 -23.38 -15.78 -18.85
N CYS D 251 -22.36 -15.98 -19.68
CA CYS D 251 -22.60 -16.38 -21.07
C CYS D 251 -22.68 -17.90 -21.23
N VAL D 252 -21.66 -18.63 -20.79
CA VAL D 252 -21.61 -20.06 -21.01
C VAL D 252 -22.63 -20.78 -20.13
N ASP D 253 -22.49 -20.64 -18.81
CA ASP D 253 -23.40 -21.29 -17.88
C ASP D 253 -24.74 -20.60 -17.76
N GLN D 254 -24.90 -19.40 -18.33
CA GLN D 254 -26.17 -18.68 -18.37
C GLN D 254 -26.75 -18.45 -16.99
N GLN D 255 -25.88 -18.27 -15.98
CA GLN D 255 -26.34 -18.09 -14.62
C GLN D 255 -26.84 -16.67 -14.38
N ARG D 256 -27.83 -16.56 -13.50
CA ARG D 256 -28.40 -15.31 -13.05
C ARG D 256 -28.40 -15.28 -11.54
N PRO D 257 -28.48 -14.09 -10.92
CA PRO D 257 -28.62 -14.03 -9.47
C PRO D 257 -29.84 -14.82 -9.00
N ASN D 258 -29.75 -15.36 -7.79
CA ASN D 258 -30.77 -16.29 -7.32
C ASN D 258 -31.95 -15.54 -6.71
N ILE D 259 -33.15 -15.89 -7.16
CA ILE D 259 -34.39 -15.37 -6.58
C ILE D 259 -34.79 -16.29 -5.44
N PRO D 260 -34.74 -15.84 -4.19
CA PRO D 260 -35.24 -16.68 -3.08
C PRO D 260 -36.73 -16.92 -3.24
N ASN D 261 -37.14 -18.18 -3.07
CA ASN D 261 -38.54 -18.52 -3.21
C ASN D 261 -39.41 -17.87 -2.14
N ARG D 262 -38.81 -17.42 -1.04
CA ARG D 262 -39.55 -16.69 -0.02
C ARG D 262 -40.05 -15.34 -0.53
N TRP D 263 -39.49 -14.84 -1.63
CA TRP D 263 -39.95 -13.57 -2.20
C TRP D 263 -41.35 -13.68 -2.77
N PHE D 264 -41.71 -14.83 -3.33
CA PHE D 264 -42.99 -14.97 -4.02
C PHE D 264 -44.17 -15.05 -3.05
N SER D 265 -43.91 -15.12 -1.74
CA SER D 265 -44.97 -14.95 -0.76
C SER D 265 -45.24 -13.48 -0.45
N ASP D 266 -44.42 -12.57 -0.98
CA ASP D 266 -44.59 -11.14 -0.80
C ASP D 266 -45.03 -10.50 -2.11
N PRO D 267 -46.11 -9.73 -2.11
CA PRO D 267 -46.60 -9.15 -3.38
C PRO D 267 -45.62 -8.17 -4.00
N THR D 268 -45.00 -7.31 -3.20
CA THR D 268 -43.99 -6.40 -3.72
C THR D 268 -42.81 -7.16 -4.31
N LEU D 269 -42.23 -8.07 -3.52
CA LEU D 269 -41.07 -8.84 -3.99
C LEU D 269 -41.41 -9.72 -5.19
N THR D 270 -42.67 -10.17 -5.29
CA THR D 270 -43.08 -10.93 -6.47
C THR D 270 -43.01 -10.07 -7.73
N SER D 271 -43.55 -8.85 -7.65
CA SER D 271 -43.49 -7.95 -8.79
C SER D 271 -42.05 -7.61 -9.16
N LEU D 272 -41.22 -7.31 -8.16
CA LEU D 272 -39.82 -7.01 -8.41
C LEU D 272 -39.07 -8.22 -8.97
N ALA D 273 -39.45 -9.43 -8.54
CA ALA D 273 -38.76 -10.63 -9.03
C ALA D 273 -39.04 -10.86 -10.51
N LYS D 274 -40.31 -10.77 -10.91
CA LYS D 274 -40.63 -10.90 -12.33
C LYS D 274 -40.03 -9.78 -13.15
N LEU D 275 -39.91 -8.59 -12.56
CA LEU D 275 -39.25 -7.48 -13.23
C LEU D 275 -37.76 -7.77 -13.45
N MET D 276 -37.11 -8.40 -12.46
CA MET D 276 -35.71 -8.79 -12.61
C MET D 276 -35.52 -9.73 -13.78
N LYS D 277 -36.33 -10.80 -13.85
CA LYS D 277 -36.17 -11.80 -14.90
C LYS D 277 -36.34 -11.21 -16.29
N GLU D 278 -37.20 -10.21 -16.43
CA GLU D 278 -37.40 -9.56 -17.72
C GLU D 278 -36.31 -8.56 -18.05
N CYS D 279 -35.34 -8.36 -17.17
CA CYS D 279 -34.15 -7.59 -17.47
C CYS D 279 -32.96 -8.45 -17.86
N TRP D 280 -33.01 -9.76 -17.56
CA TRP D 280 -31.84 -10.64 -17.67
C TRP D 280 -31.92 -11.60 -18.85
N TYR D 281 -32.85 -11.39 -19.79
CA TYR D 281 -32.93 -12.26 -20.95
C TYR D 281 -31.61 -12.26 -21.72
N GLN D 282 -31.22 -13.45 -22.21
CA GLN D 282 -30.02 -13.52 -23.02
C GLN D 282 -30.19 -12.75 -24.33
N ASN D 283 -31.40 -12.76 -24.88
CA ASN D 283 -31.73 -11.98 -26.08
C ASN D 283 -32.07 -10.55 -25.66
N PRO D 284 -31.27 -9.56 -26.06
CA PRO D 284 -31.52 -8.18 -25.60
C PRO D 284 -32.81 -7.59 -26.11
N SER D 285 -33.31 -8.04 -27.28
CA SER D 285 -34.56 -7.50 -27.80
C SER D 285 -35.74 -7.86 -26.90
N ALA D 286 -35.63 -8.96 -26.16
CA ALA D 286 -36.70 -9.37 -25.25
C ALA D 286 -36.71 -8.59 -23.95
N ARG D 287 -35.64 -7.86 -23.62
CA ARG D 287 -35.57 -7.16 -22.36
C ARG D 287 -36.56 -6.01 -22.32
N LEU D 288 -37.05 -5.73 -21.11
CA LEU D 288 -37.95 -4.60 -20.90
C LEU D 288 -37.27 -3.29 -21.27
N THR D 289 -38.10 -2.27 -21.51
CA THR D 289 -37.64 -0.91 -21.71
C THR D 289 -37.76 -0.14 -20.39
N ALA D 290 -37.02 0.96 -20.30
CA ALA D 290 -37.06 1.77 -19.10
C ALA D 290 -38.45 2.36 -18.87
N LEU D 291 -39.20 2.60 -19.94
CA LEU D 291 -40.53 3.17 -19.79
C LEU D 291 -41.51 2.13 -19.25
N ARG D 292 -41.37 0.88 -19.65
CA ARG D 292 -42.27 -0.17 -19.16
C ARG D 292 -41.97 -0.50 -17.71
N ILE D 293 -40.69 -0.49 -17.32
CA ILE D 293 -40.34 -0.76 -15.93
C ILE D 293 -40.90 0.31 -15.01
N LYS D 294 -40.82 1.57 -15.45
CA LYS D 294 -41.39 2.65 -14.65
C LYS D 294 -42.91 2.53 -14.53
N LYS D 295 -43.57 2.12 -15.62
CA LYS D 295 -45.02 1.95 -15.59
C LYS D 295 -45.44 0.84 -14.64
N THR D 296 -44.72 -0.28 -14.65
CA THR D 296 -45.06 -1.39 -13.77
C THR D 296 -44.85 -1.02 -12.31
N LEU D 297 -43.73 -0.34 -12.00
CA LEU D 297 -43.46 0.08 -10.64
C LEU D 297 -44.44 1.14 -10.15
N THR D 298 -45.06 1.89 -11.07
CA THR D 298 -46.04 2.89 -10.66
C THR D 298 -47.32 2.23 -10.16
N LYS D 299 -47.80 1.20 -10.86
CA LYS D 299 -49.06 0.57 -10.50
C LYS D 299 -49.00 -0.10 -9.14
N ILE D 300 -47.82 -0.55 -8.72
CA ILE D 300 -47.65 -1.17 -7.41
C ILE D 300 -47.86 -0.14 -6.32
C1 H8H E . -3.52 8.31 39.44
N2 H8H E . -3.24 8.96 38.36
C3 H8H E . -2.57 8.13 37.46
C4 H8H E . -2.35 8.87 36.23
N5 H8H E . -1.48 9.88 36.39
C6 H8H E . -0.32 9.47 36.48
C7 H8H E . 0.25 8.89 35.12
O8 H8H E . 0.27 7.47 35.25
C9 H8H E . 1.34 6.77 34.65
C10 H8H E . 1.34 5.30 34.71
C11 H8H E . 2.35 4.58 34.11
O12 H8H E . 2.39 3.16 34.16
C13 H8H E . 1.01 2.55 34.25
C14 H8H E . 0.43 2.52 32.91
C15 H8H E . -0.84 1.69 32.85
O16 H8H E . -0.62 0.35 33.36
C17 H8H E . -0.10 0.38 34.71
C18 H8H E . 1.17 1.23 34.83
C19 H8H E . 3.42 5.27 33.46
C20 H8H E . 4.50 4.55 32.84
N21 H8H E . 4.49 3.07 32.90
C22 H8H E . 5.49 2.24 32.36
C23 H8H E . 6.86 2.37 32.80
O24 H8H E . 7.48 3.25 33.74
C25 H8H E . 8.79 2.77 33.94
O26 H8H E . 9.07 1.89 32.86
C27 H8H E . 7.84 1.55 32.27
C28 H8H E . 7.49 0.56 31.29
C29 H8H E . 6.15 0.44 30.87
C30 H8H E . 5.16 1.28 31.41
CL3 H8H E . 3.57 1.11 30.90
N32 H8H E . 5.50 5.24 32.21
C33 H8H E . 5.48 6.58 32.16
N34 H8H E . 4.51 7.32 32.72
C35 H8H E . 3.42 6.66 33.40
C36 H8H E . 2.35 7.42 34.02
C37 H8H E . -1.73 10.69 37.56
C38 H8H E . -2.59 10.07 38.69
K K F . 9.80 13.81 25.34
P PO4 G . 9.22 9.43 25.05
O1 PO4 G . 8.60 10.79 25.08
O2 PO4 G . 8.84 8.66 26.29
O3 PO4 G . 8.73 8.69 23.82
O4 PO4 G . 10.73 9.55 24.98
P PO4 H . 5.27 14.35 28.01
O1 PO4 H . 4.51 15.37 27.19
O2 PO4 H . 4.38 13.16 28.29
O3 PO4 H . 6.49 13.90 27.23
O4 PO4 H . 5.70 14.97 29.31
P PO4 I . -7.29 -5.06 29.76
O1 PO4 I . -8.39 -4.00 29.77
O2 PO4 I . -7.08 -5.57 31.17
O3 PO4 I . -7.70 -6.20 28.86
O4 PO4 I . -6.01 -4.44 29.24
P PO4 J . -9.78 -7.79 31.58
O1 PO4 J . -10.30 -6.51 30.97
O2 PO4 J . -10.89 -8.48 32.30
O3 PO4 J . -9.24 -8.68 30.47
O4 PO4 J . -8.66 -7.48 32.55
C1 H8H K . 4.02 21.58 -12.43
N2 H8H K . 4.33 20.34 -12.24
C3 H8H K . 5.06 20.23 -11.06
C4 H8H K . 5.50 18.86 -10.90
N5 H8H K . 6.43 18.54 -11.81
C6 H8H K . 6.74 17.35 -11.77
C7 H8H K . 7.93 17.15 -10.75
O8 H8H K . 8.80 18.28 -10.89
C9 H8H K . 10.08 18.12 -10.29
C10 H8H K . 11.09 19.19 -10.42
C11 H8H K . 12.33 19.05 -9.83
O12 H8H K . 13.32 20.06 -9.94
C13 H8H K . 12.74 21.46 -10.01
C14 H8H K . 12.50 21.95 -8.66
C15 H8H K . 12.08 23.42 -8.66
O16 H8H K . 12.99 24.27 -9.40
C17 H8H K . 13.23 23.77 -10.74
C18 H8H K . 13.66 22.29 -10.75
C19 H8H K . 12.63 17.85 -9.12
C20 H8H K . 13.91 17.64 -8.50
N21 H8H K . 14.93 18.69 -8.61
C22 H8H K . 16.23 18.54 -8.05
C23 H8H K . 17.05 17.44 -8.45
O24 H8H K . 16.84 16.36 -9.37
C25 H8H K . 18.07 15.72 -9.53
O26 H8H K . 18.90 16.13 -8.47
C27 H8H K . 18.30 17.30 -7.92
C28 H8H K . 18.79 18.25 -6.96
C29 H8H K . 17.98 19.33 -6.57
C30 H8H K . 16.69 19.47 -7.12
CL3 H8H K . 15.72 20.76 -6.67
N32 H8H K . 14.16 16.47 -7.81
C33 H8H K . 13.22 15.51 -7.72
N34 H8H K . 12.01 15.64 -8.27
C35 H8H K . 11.67 16.84 -9.00
C36 H8H K . 10.37 16.99 -9.61
C37 H8H K . 6.17 19.00 -13.15
C38 H8H K . 4.91 19.87 -13.34
K K L . 9.83 8.02 -0.49
P PO4 M . 12.50 32.60 -5.93
O1 PO4 M . 11.00 32.80 -6.03
O2 PO4 M . 13.11 32.69 -7.31
O3 PO4 M . 12.79 31.25 -5.33
O4 PO4 M . 13.09 33.68 -5.05
P PO4 N . 7.42 10.11 -3.39
O1 PO4 N . 7.45 11.58 -3.77
O2 PO4 N . 6.08 9.76 -2.79
O3 PO4 N . 7.63 9.28 -4.63
O4 PO4 N . 8.50 9.83 -2.38
P PO4 O . 13.73 11.06 -0.55
O1 PO4 O . 14.00 12.13 0.48
O2 PO4 O . 12.30 10.59 -0.44
O3 PO4 O . 14.67 9.90 -0.31
O4 PO4 O . 13.97 11.62 -1.93
P PO4 P . 12.60 36.23 -7.75
O1 PO4 P . 11.99 37.49 -8.30
O2 PO4 P . 11.74 35.68 -6.64
O3 PO4 P . 12.69 35.20 -8.85
O4 PO4 P . 13.98 36.51 -7.22
C1 H8H Q . 14.83 -32.28 -27.32
N2 H8H Q . 13.79 -33.01 -27.54
C3 H8H Q . 14.07 -34.34 -27.16
C4 H8H Q . 12.89 -35.18 -27.21
N5 H8H Q . 11.86 -34.72 -26.48
C6 H8H Q . 10.88 -35.46 -26.55
C7 H8H Q . 10.03 -35.32 -25.21
O8 H8H Q . 10.95 -35.15 -24.13
C9 H8H Q . 10.43 -35.37 -22.83
C10 H8H Q . 11.36 -35.47 -21.69
C11 H8H Q . 10.88 -35.68 -20.42
O12 H8H Q . 11.77 -35.78 -19.31
C13 H8H Q . 12.94 -34.84 -19.47
C14 H8H Q . 12.54 -33.52 -18.99
C15 H8H Q . 13.24 -33.06 -17.71
O16 H8H Q . 14.67 -33.26 -17.68
C17 H8H Q . 15.15 -34.34 -18.51
C18 H8H Q . 14.06 -35.40 -18.76
C19 H8H Q . 9.46 -35.80 -20.20
C20 H8H Q . 8.89 -36.02 -18.88
N21 H8H Q . 9.78 -36.12 -17.72
C22 H8H Q . 9.28 -36.30 -16.40
C23 H8H Q . 8.57 -37.50 -16.07
O24 H8H Q . 8.22 -38.64 -16.85
C25 H8H Q . 7.57 -39.56 -16.01
O26 H8H Q . 7.43 -38.95 -14.73
C27 H8H Q . 8.10 -37.69 -14.79
C28 H8H Q . 8.30 -36.69 -13.79
C29 H8H Q . 9.00 -35.51 -14.11
C30 H8H Q . 9.49 -35.32 -15.41
CL3 H8H Q . 10.32 -33.91 -15.77
N32 H8H Q . 7.53 -36.12 -18.74
C33 H8H Q . 6.71 -36.03 -19.81
N34 H8H Q . 7.17 -35.82 -21.05
C35 H8H Q . 8.59 -35.70 -21.28
C36 H8H Q . 9.10 -35.48 -22.62
C37 H8H Q . 11.52 -33.36 -26.81
C38 H8H Q . 12.73 -32.43 -26.97
K K R . -3.38 -31.60 -22.46
P PO4 S . -0.73 -32.77 -17.95
O1 PO4 S . -0.49 -31.41 -17.36
O2 PO4 S . -1.73 -33.53 -17.11
O3 PO4 S . -1.29 -32.61 -19.35
O4 PO4 S . 0.57 -33.54 -18.00
P PO4 T . 0.47 -32.22 -24.96
O1 PO4 T . -0.05 -31.04 -25.77
O2 PO4 T . -0.48 -32.50 -23.83
O3 PO4 T . 0.59 -33.43 -25.85
O4 PO4 T . 1.83 -31.87 -24.39
P PO4 U . 20.32 -26.39 -14.56
O1 PO4 U . 20.96 -25.40 -13.62
O2 PO4 U . 19.15 -27.05 -13.86
O3 PO4 U . 21.31 -27.44 -14.97
O4 PO4 U . 19.82 -25.65 -15.78
P PO4 V . 24.62 -26.20 -13.91
O1 PO4 V . 23.66 -25.29 -13.19
O2 PO4 V . 25.80 -25.40 -14.41
O3 PO4 V . 23.94 -26.85 -15.09
O4 PO4 V . 25.09 -27.28 -12.97
C1 H8H W . -20.87 5.95 4.14
N2 H8H W . -20.95 7.23 4.13
C3 H8H W . -21.79 7.63 3.09
C4 H8H W . -21.84 9.09 3.05
N5 H8H W . -20.67 9.59 2.65
C6 H8H W . -20.66 10.83 2.64
C7 H8H W . -21.21 11.36 1.24
O8 H8H W . -20.86 10.43 0.21
C9 H8H W . -20.96 10.92 -1.11
C10 H8H W . -20.12 10.34 -2.17
C11 H8H W . -20.21 10.80 -3.46
O12 H8H W . -19.41 10.29 -4.52
C13 H8H W . -19.07 8.82 -4.32
C14 H8H W . -20.23 7.97 -4.55
C15 H8H W . -19.86 6.51 -4.34
O16 H8H W . -18.74 6.10 -5.15
C17 H8H W . -17.60 7.00 -5.09
C18 H8H W . -18.00 8.48 -5.23
C19 H8H W . -21.14 11.86 -3.76
C20 H8H W . -21.26 12.37 -5.11
N21 H8H W . -20.40 11.79 -6.15
C22 H8H W . -20.42 12.19 -7.50
C23 H8H W . -20.11 13.54 -7.88
O24 H8H W . -19.77 14.69 -7.08
C25 H8H W . -19.41 15.71 -7.98
O26 H8H W . -19.80 15.30 -9.28
C27 H8H W . -20.12 13.92 -9.19
C28 H8H W . -20.43 12.96 -10.21
C29 H8H W . -20.72 11.63 -9.85
C30 H8H W . -20.71 11.25 -8.50
CL3 H8H W . -21.06 9.67 -8.07
N32 H8H W . -22.16 13.38 -5.37
C33 H8H W . -22.93 13.89 -4.39
N34 H8H W . -22.86 13.46 -3.12
C35 H8H W . -21.94 12.40 -2.77
C36 H8H W . -21.84 11.91 -1.41
C37 H8H W . -19.53 9.06 3.34
C38 H8H W . -19.72 7.75 4.14
K K X . -32.68 18.40 -3.17
P PO4 Y . -30.49 16.50 -7.04
O1 PO4 Y . -31.20 16.43 -5.69
O2 PO4 Y . -30.50 17.93 -7.52
O3 PO4 Y . -31.20 15.62 -8.04
O4 PO4 Y . -29.06 16.03 -6.87
P PO4 Z . -30.51 15.43 0.04
O1 PO4 Z . -31.68 14.95 0.86
O2 PO4 Z . -31.03 16.13 -1.19
O3 PO4 Z . -29.66 14.26 -0.37
O4 PO4 Z . -29.68 16.40 0.85
P PO4 AA . -18.79 -2.82 -7.69
O1 PO4 AA . -19.59 -1.65 -8.23
O2 PO4 AA . -19.25 -3.15 -6.29
O3 PO4 AA . -19.01 -4.03 -8.59
O4 PO4 AA . -17.33 -2.47 -7.68
P PO4 BA . -15.63 -5.57 -7.65
O1 PO4 BA . -16.64 -5.01 -6.69
O2 PO4 BA . -15.64 -4.77 -8.93
O3 PO4 BA . -15.98 -7.01 -7.95
O4 PO4 BA . -14.25 -5.50 -7.03
#